data_9JL6
#
_entry.id   9JL6
#
_cell.length_a   1.00
_cell.length_b   1.00
_cell.length_c   1.00
_cell.angle_alpha   90.00
_cell.angle_beta   90.00
_cell.angle_gamma   90.00
#
_symmetry.space_group_name_H-M   'P 1'
#
_entity_poly.entity_id   1
_entity_poly.type   'polypeptide(L)'
_entity_poly.pdbx_seq_one_letter_code
;MASAGDVTRAALPRAQPRAEGPACVLGIGTAVPPAEFLQSEYPDFFFNITNCGEKEALKAKFKRICDKSGIRKRHMFLTE
EVLKANPGICTYMEPSLNVRHDIVVVQVPKLAAEAAQKAIKEWGGRKSDITHIVFATTSGVNMPGADHALAKLLGLKPTV
KRVMMYQTGCFGGASVLRVAKDLAENNKGARVLAVASEVTAVTYRAPSENHLDGLVGSALFGDGAGVYVVGSDPKPEVEK
PLFEVHWAGETILPESDGAIDGHLTEAGLIFHLMKDVPGLISKNIEKFLNEARKPVGSPAWNEMFWAVHPGGPAILDQVE
AKLKLTKDKMQGSRDILSEFGNMSSASVLFVLDQIRHRSVKMGASTLGEGSEFGFFIGFGPGLTLEVLVLRAAPNSA
;
_entity_poly.pdbx_strand_id   A,B
#
# COMPACT_ATOMS: atom_id res chain seq x y z
N ARG A 14 4.81 16.98 -20.32
CA ARG A 14 4.45 17.03 -18.91
C ARG A 14 3.03 17.57 -18.74
N ALA A 15 2.04 16.71 -18.92
CA ALA A 15 0.65 17.12 -18.80
C ALA A 15 0.33 17.56 -17.38
N GLN A 16 0.65 16.73 -16.40
CA GLN A 16 0.50 17.11 -15.00
C GLN A 16 1.70 17.93 -14.57
N PRO A 17 1.50 19.15 -14.06
CA PRO A 17 2.64 20.02 -13.76
C PRO A 17 3.56 19.42 -12.71
N ARG A 18 4.80 19.92 -12.71
CA ARG A 18 5.88 19.34 -11.94
C ARG A 18 6.35 20.29 -10.85
N ALA A 19 6.49 19.74 -9.64
CA ALA A 19 6.86 20.54 -8.47
C ALA A 19 8.35 20.84 -8.48
N GLU A 20 8.76 21.73 -7.57
CA GLU A 20 10.18 22.12 -7.44
C GLU A 20 10.44 22.37 -5.96
N GLY A 21 11.56 21.82 -5.47
CA GLY A 21 11.91 21.95 -4.08
C GLY A 21 11.60 20.69 -3.30
N PRO A 22 12.34 20.46 -2.22
CA PRO A 22 12.15 19.23 -1.44
C PRO A 22 10.80 19.22 -0.74
N ALA A 23 10.30 18.02 -0.46
CA ALA A 23 9.08 17.90 0.32
C ALA A 23 9.30 18.45 1.71
N CYS A 24 8.36 19.26 2.17
CA CYS A 24 8.44 19.89 3.48
C CYS A 24 7.23 19.49 4.31
N VAL A 25 7.43 19.46 5.62
CA VAL A 25 6.34 19.21 6.57
C VAL A 25 5.76 20.56 6.96
N LEU A 26 4.64 20.92 6.35
CA LEU A 26 4.02 22.21 6.59
C LEU A 26 3.10 22.23 7.81
N GLY A 27 2.81 21.06 8.37
CA GLY A 27 1.99 20.99 9.56
C GLY A 27 1.99 19.60 10.16
N ILE A 28 2.23 19.51 11.46
CA ILE A 28 2.28 18.24 12.17
C ILE A 28 1.03 18.14 13.03
N GLY A 29 0.23 17.11 12.80
CA GLY A 29 -0.93 16.86 13.61
C GLY A 29 -0.82 15.51 14.28
N THR A 30 -0.66 15.51 15.60
CA THR A 30 -0.54 14.29 16.38
C THR A 30 -1.78 14.16 17.24
N ALA A 31 -2.63 13.19 16.93
CA ALA A 31 -3.85 12.95 17.68
C ALA A 31 -3.76 11.58 18.35
N VAL A 32 -4.11 11.54 19.62
CA VAL A 32 -4.15 10.28 20.36
C VAL A 32 -5.53 10.18 21.00
N PRO A 33 -6.06 8.97 21.18
CA PRO A 33 -7.34 8.83 21.87
C PRO A 33 -7.24 9.34 23.29
N PRO A 34 -8.35 9.84 23.85
CA PRO A 34 -8.28 10.44 25.19
C PRO A 34 -7.83 9.49 26.29
N ALA A 35 -8.00 8.18 26.10
CA ALA A 35 -7.65 7.23 27.15
C ALA A 35 -6.14 7.19 27.37
N GLU A 36 -5.75 6.95 28.62
CA GLU A 36 -4.36 6.85 29.01
C GLU A 36 -4.14 5.59 29.84
N PHE A 37 -2.95 5.00 29.69
CA PHE A 37 -2.58 3.80 30.42
C PHE A 37 -1.12 3.94 30.84
N LEU A 38 -0.88 4.05 32.15
CA LEU A 38 0.47 4.19 32.66
C LEU A 38 1.20 2.86 32.59
N GLN A 39 2.43 2.88 32.06
CA GLN A 39 3.22 1.66 31.96
C GLN A 39 3.62 1.14 33.33
N SER A 40 3.60 1.97 34.37
CA SER A 40 3.76 1.47 35.73
C SER A 40 2.62 0.54 36.10
N GLU A 41 1.40 0.86 35.66
CA GLU A 41 0.22 0.04 35.91
C GLU A 41 -0.26 -0.70 34.67
N TYR A 42 0.39 -0.50 33.52
CA TYR A 42 -0.04 -1.20 32.31
C TYR A 42 0.05 -2.71 32.40
N PRO A 43 1.13 -3.32 32.91
CA PRO A 43 1.16 -4.79 32.94
C PRO A 43 0.01 -5.42 33.69
N ASP A 44 -0.36 -4.88 34.85
CA ASP A 44 -1.47 -5.44 35.61
C ASP A 44 -2.78 -5.28 34.86
N PHE A 45 -3.02 -4.10 34.30
CA PHE A 45 -4.26 -3.85 33.56
C PHE A 45 -4.36 -4.76 32.34
N PHE A 46 -3.25 -4.94 31.62
CA PHE A 46 -3.26 -5.72 30.39
C PHE A 46 -3.32 -7.21 30.66
N PHE A 47 -2.74 -7.68 31.77
CA PHE A 47 -2.89 -9.09 32.14
C PHE A 47 -4.22 -9.38 32.83
N ASN A 48 -4.92 -8.34 33.30
CA ASN A 48 -6.26 -8.53 33.85
C ASN A 48 -7.31 -8.52 32.75
N ILE A 49 -7.20 -7.57 31.81
CA ILE A 49 -8.25 -7.41 30.79
C ILE A 49 -8.32 -8.62 29.87
N THR A 50 -7.19 -9.25 29.56
CA THR A 50 -7.17 -10.44 28.71
C THR A 50 -7.23 -11.74 29.51
N ASN A 51 -7.59 -11.66 30.79
CA ASN A 51 -7.72 -12.84 31.66
C ASN A 51 -6.43 -13.65 31.68
N CYS A 52 -5.29 -12.96 31.73
CA CYS A 52 -3.99 -13.61 31.73
C CYS A 52 -3.13 -13.24 32.94
N GLY A 53 -3.73 -12.63 33.96
CA GLY A 53 -2.98 -12.23 35.14
C GLY A 53 -2.70 -13.34 36.12
N GLU A 54 -3.17 -14.56 35.85
CA GLU A 54 -2.99 -15.66 36.78
C GLU A 54 -1.59 -16.27 36.72
N LYS A 55 -0.84 -16.02 35.66
CA LYS A 55 0.48 -16.61 35.51
C LYS A 55 1.49 -15.93 36.43
N GLU A 56 2.64 -16.57 36.60
CA GLU A 56 3.72 -16.02 37.42
C GLU A 56 4.96 -15.73 36.59
N ALA A 57 5.51 -16.72 35.89
CA ALA A 57 6.77 -16.53 35.17
C ALA A 57 6.57 -15.60 33.96
N LEU A 58 5.54 -15.85 33.17
CA LEU A 58 5.26 -15.00 32.02
C LEU A 58 4.93 -13.58 32.46
N LYS A 59 4.16 -13.46 33.53
CA LYS A 59 3.85 -12.13 34.07
C LYS A 59 5.10 -11.40 34.51
N ALA A 60 6.00 -12.11 35.22
CA ALA A 60 7.23 -11.47 35.68
C ALA A 60 8.12 -11.08 34.51
N LYS A 61 8.18 -11.91 33.47
CA LYS A 61 8.95 -11.57 32.28
C LYS A 61 8.39 -10.32 31.61
N PHE A 62 7.06 -10.21 31.53
CA PHE A 62 6.46 -9.00 30.97
C PHE A 62 6.75 -7.79 31.85
N LYS A 63 6.74 -7.98 33.17
CA LYS A 63 7.14 -6.91 34.08
C LYS A 63 8.55 -6.43 33.79
N ARG A 64 9.49 -7.36 33.65
CA ARG A 64 10.87 -6.99 33.39
C ARG A 64 11.00 -6.26 32.06
N ILE A 65 10.32 -6.75 31.02
CA ILE A 65 10.36 -6.09 29.73
C ILE A 65 9.78 -4.69 29.81
N CYS A 66 8.69 -4.53 30.57
CA CYS A 66 8.05 -3.22 30.69
C CYS A 66 8.94 -2.21 31.40
N ASP A 67 9.45 -2.59 32.58
CA ASP A 67 10.33 -1.67 33.31
C ASP A 67 11.70 -1.51 32.67
N LYS A 68 12.08 -2.37 31.74
CA LYS A 68 13.25 -2.13 30.91
C LYS A 68 12.90 -1.44 29.59
N SER A 69 11.62 -1.20 29.33
CA SER A 69 11.16 -0.66 28.06
C SER A 69 11.21 0.85 27.98
N GLY A 70 11.55 1.53 29.08
CA GLY A 70 11.64 2.99 29.05
C GLY A 70 10.33 3.65 28.68
N ILE A 71 9.21 3.10 29.14
CA ILE A 71 7.87 3.59 28.82
C ILE A 71 7.17 3.96 30.11
N ARG A 72 6.48 5.11 30.09
CA ARG A 72 5.72 5.58 31.24
C ARG A 72 4.22 5.47 31.04
N LYS A 73 3.70 5.97 29.93
CA LYS A 73 2.27 5.90 29.64
C LYS A 73 2.06 5.68 28.15
N ARG A 74 0.88 5.17 27.81
CA ARG A 74 0.52 4.93 26.43
C ARG A 74 -0.94 5.31 26.20
N HIS A 75 -1.21 5.78 24.99
CA HIS A 75 -2.56 6.13 24.55
C HIS A 75 -3.10 5.03 23.65
N MET A 76 -4.29 4.52 23.96
CA MET A 76 -4.91 3.49 23.15
C MET A 76 -6.41 3.75 23.03
N PHE A 77 -6.96 3.54 21.84
CA PHE A 77 -8.40 3.58 21.69
C PHE A 77 -9.04 2.34 22.30
N LEU A 78 -8.28 1.27 22.49
CA LEU A 78 -8.78 0.08 23.17
C LEU A 78 -8.89 0.36 24.66
N THR A 79 -9.88 1.16 25.05
CA THR A 79 -10.09 1.50 26.45
C THR A 79 -10.76 0.33 27.15
N GLU A 80 -11.19 0.53 28.40
CA GLU A 80 -11.98 -0.48 29.08
C GLU A 80 -13.28 -0.73 28.33
N GLU A 81 -14.03 0.33 28.04
CA GLU A 81 -15.33 0.19 27.40
C GLU A 81 -15.19 -0.48 26.02
N VAL A 82 -14.22 -0.02 25.23
CA VAL A 82 -14.03 -0.59 23.90
C VAL A 82 -13.64 -2.05 23.98
N LEU A 83 -12.70 -2.38 24.88
CA LEU A 83 -12.21 -3.75 24.95
C LEU A 83 -13.29 -4.72 25.44
N LYS A 84 -14.10 -4.30 26.41
CA LYS A 84 -15.19 -5.18 26.86
C LYS A 84 -16.29 -5.28 25.80
N ALA A 85 -16.70 -4.15 25.21
CA ALA A 85 -17.75 -4.20 24.20
C ALA A 85 -17.31 -4.91 22.93
N ASN A 86 -16.01 -5.11 22.74
CA ASN A 86 -15.48 -5.80 21.57
C ASN A 86 -14.51 -6.90 22.00
N PRO A 87 -15.03 -8.07 22.38
CA PRO A 87 -14.16 -9.21 22.67
C PRO A 87 -13.52 -9.76 21.40
N GLY A 88 -12.76 -10.84 21.54
CA GLY A 88 -12.00 -11.41 20.43
C GLY A 88 -10.61 -10.81 20.32
N ILE A 89 -10.51 -9.49 20.47
CA ILE A 89 -9.22 -8.84 20.56
C ILE A 89 -8.51 -9.19 21.86
N CYS A 90 -9.25 -9.62 22.88
CA CYS A 90 -8.68 -10.00 24.16
C CYS A 90 -8.10 -11.42 24.15
N THR A 91 -8.29 -12.17 23.08
CA THR A 91 -7.91 -13.56 23.02
C THR A 91 -6.61 -13.74 22.24
N TYR A 92 -6.07 -14.96 22.29
CA TYR A 92 -4.89 -15.34 21.54
C TYR A 92 -5.25 -16.46 20.59
N MET A 93 -4.81 -16.33 19.33
CA MET A 93 -5.03 -17.34 18.30
C MET A 93 -6.51 -17.64 18.10
N GLU A 94 -7.32 -16.59 18.09
CA GLU A 94 -8.74 -16.71 17.77
C GLU A 94 -9.06 -15.80 16.59
N PRO A 95 -9.83 -16.30 15.62
CA PRO A 95 -10.12 -15.48 14.44
C PRO A 95 -10.92 -14.24 14.78
N SER A 96 -10.30 -13.07 14.64
CA SER A 96 -10.95 -11.83 15.04
C SER A 96 -10.65 -10.67 14.09
N LEU A 97 -10.10 -10.92 12.91
CA LEU A 97 -9.75 -9.82 12.01
C LEU A 97 -10.98 -9.03 11.58
N ASN A 98 -12.17 -9.67 11.58
CA ASN A 98 -13.38 -8.99 11.10
C ASN A 98 -13.75 -7.82 12.00
N VAL A 99 -13.83 -8.05 13.32
CA VAL A 99 -14.31 -6.98 14.17
C VAL A 99 -13.19 -5.98 14.50
N ARG A 100 -11.94 -6.43 14.54
CA ARG A 100 -10.83 -5.49 14.56
C ARG A 100 -10.89 -4.59 13.34
N HIS A 101 -11.26 -5.15 12.19
CA HIS A 101 -11.40 -4.39 10.96
C HIS A 101 -12.54 -3.39 11.07
N ASP A 102 -13.66 -3.82 11.65
CA ASP A 102 -14.78 -2.89 11.88
C ASP A 102 -14.37 -1.76 12.80
N ILE A 103 -13.47 -2.03 13.76
CA ILE A 103 -12.93 -0.95 14.59
C ILE A 103 -12.11 0.01 13.73
N VAL A 104 -11.16 -0.53 12.97
CA VAL A 104 -10.16 0.33 12.33
C VAL A 104 -10.63 0.96 11.03
N VAL A 105 -11.78 0.55 10.50
CA VAL A 105 -12.34 1.24 9.34
C VAL A 105 -13.03 2.54 9.71
N VAL A 106 -13.22 2.79 11.01
CA VAL A 106 -13.81 4.03 11.50
C VAL A 106 -12.84 4.80 12.38
N GLN A 107 -12.11 4.09 13.26
CA GLN A 107 -11.30 4.79 14.24
C GLN A 107 -9.97 5.25 13.66
N VAL A 108 -9.34 4.41 12.84
CA VAL A 108 -8.14 4.85 12.11
C VAL A 108 -8.45 6.05 11.22
N PRO A 109 -9.52 6.04 10.40
CA PRO A 109 -9.86 7.26 9.67
C PRO A 109 -10.21 8.43 10.57
N LYS A 110 -10.89 8.20 11.70
CA LYS A 110 -11.29 9.33 12.55
C LYS A 110 -10.09 9.89 13.32
N LEU A 111 -9.22 9.02 13.82
CA LEU A 111 -7.98 9.49 14.45
C LEU A 111 -7.14 10.26 13.43
N ALA A 112 -7.03 9.73 12.22
CA ALA A 112 -6.36 10.46 11.15
C ALA A 112 -7.05 11.77 10.85
N ALA A 113 -8.37 11.84 11.00
CA ALA A 113 -9.11 13.06 10.68
C ALA A 113 -8.86 14.14 11.72
N GLU A 114 -8.87 13.78 13.01
CA GLU A 114 -8.55 14.79 14.02
C GLU A 114 -7.09 15.22 13.93
N ALA A 115 -6.18 14.27 13.66
CA ALA A 115 -4.79 14.64 13.46
C ALA A 115 -4.62 15.55 12.25
N ALA A 116 -5.39 15.30 11.18
CA ALA A 116 -5.32 16.12 9.99
C ALA A 116 -5.95 17.49 10.21
N GLN A 117 -6.99 17.58 11.04
CA GLN A 117 -7.54 18.88 11.39
C GLN A 117 -6.54 19.70 12.17
N LYS A 118 -5.84 19.07 13.12
CA LYS A 118 -4.77 19.78 13.84
C LYS A 118 -3.66 20.20 12.88
N ALA A 119 -3.26 19.31 11.98
CA ALA A 119 -2.20 19.61 11.03
C ALA A 119 -2.61 20.71 10.05
N ILE A 120 -3.91 20.78 9.74
CA ILE A 120 -4.41 21.82 8.84
C ILE A 120 -4.47 23.16 9.56
N LYS A 121 -4.95 23.18 10.80
CA LYS A 121 -4.97 24.41 11.58
C LYS A 121 -3.57 24.96 11.78
N GLU A 122 -2.60 24.07 12.06
CA GLU A 122 -1.20 24.51 12.08
C GLU A 122 -0.73 24.92 10.70
N TRP A 123 -1.22 24.25 9.65
CA TRP A 123 -0.86 24.55 8.28
C TRP A 123 -1.56 25.80 7.77
N GLY A 124 -2.82 26.00 8.18
CA GLY A 124 -3.57 27.19 7.83
C GLY A 124 -4.28 27.13 6.50
N GLY A 125 -3.77 26.36 5.54
CA GLY A 125 -4.40 26.29 4.24
C GLY A 125 -5.77 25.65 4.28
N ARG A 126 -6.58 25.99 3.28
CA ARG A 126 -7.93 25.46 3.18
C ARG A 126 -7.90 23.97 2.90
N LYS A 127 -8.89 23.26 3.44
CA LYS A 127 -8.98 21.82 3.21
C LYS A 127 -9.13 21.50 1.73
N SER A 128 -9.94 22.28 1.01
CA SER A 128 -10.15 22.05 -0.42
C SER A 128 -8.86 22.09 -1.23
N ASP A 129 -7.75 22.54 -0.64
CA ASP A 129 -6.46 22.50 -1.30
C ASP A 129 -5.75 21.16 -1.17
N ILE A 130 -6.33 20.22 -0.41
CA ILE A 130 -5.74 18.88 -0.30
C ILE A 130 -6.00 18.12 -1.60
N THR A 131 -4.95 17.52 -2.15
CA THR A 131 -5.07 16.75 -3.38
C THR A 131 -4.57 15.31 -3.25
N HIS A 132 -3.77 14.98 -2.25
CA HIS A 132 -3.19 13.66 -2.11
C HIS A 132 -3.34 13.17 -0.68
N ILE A 133 -3.41 11.85 -0.52
CA ILE A 133 -3.47 11.22 0.79
C ILE A 133 -2.59 9.98 0.74
N VAL A 134 -1.44 10.03 1.41
CA VAL A 134 -0.60 8.86 1.61
C VAL A 134 -0.84 8.34 3.02
N PHE A 135 -1.18 7.06 3.13
CA PHE A 135 -1.72 6.50 4.36
C PHE A 135 -1.03 5.16 4.61
N ALA A 136 -0.27 5.07 5.69
CA ALA A 136 0.31 3.81 6.15
C ALA A 136 -0.45 3.32 7.37
N THR A 137 -0.88 2.07 7.32
CA THR A 137 -1.59 1.46 8.44
C THR A 137 -1.22 0.00 8.49
N THR A 138 -0.31 -0.36 9.39
CA THR A 138 -0.07 -1.77 9.69
C THR A 138 -1.15 -2.35 10.58
N SER A 139 -2.25 -1.61 10.77
CA SER A 139 -3.35 -2.02 11.64
C SER A 139 -4.66 -1.95 10.85
N GLY A 140 -5.02 -3.06 10.22
CA GLY A 140 -6.28 -3.16 9.50
C GLY A 140 -6.10 -2.97 8.00
N VAL A 141 -7.14 -3.32 7.25
CA VAL A 141 -7.13 -3.24 5.80
C VAL A 141 -8.58 -3.15 5.33
N ASN A 142 -8.80 -2.38 4.26
CA ASN A 142 -10.14 -2.18 3.74
C ASN A 142 -10.04 -1.67 2.30
N MET A 143 -10.79 -2.29 1.39
CA MET A 143 -10.72 -1.93 -0.03
C MET A 143 -11.46 -0.63 -0.35
N PRO A 144 -12.61 -0.35 0.27
CA PRO A 144 -13.17 1.01 0.10
C PRO A 144 -12.19 2.10 0.50
N GLY A 145 -11.35 1.85 1.50
CA GLY A 145 -10.20 2.69 1.74
C GLY A 145 -10.28 3.57 2.98
N ALA A 146 -9.26 3.47 3.83
CA ALA A 146 -9.11 4.46 4.90
C ALA A 146 -8.71 5.81 4.33
N ASP A 147 -7.94 5.81 3.23
CA ASP A 147 -7.62 7.05 2.53
C ASP A 147 -8.88 7.72 2.00
N HIS A 148 -9.77 6.94 1.37
CA HIS A 148 -11.02 7.50 0.88
C HIS A 148 -11.91 7.96 2.02
N ALA A 149 -11.94 7.22 3.13
CA ALA A 149 -12.71 7.64 4.29
C ALA A 149 -12.19 8.95 4.84
N LEU A 150 -10.87 9.12 4.91
CA LEU A 150 -10.31 10.40 5.35
C LEU A 150 -10.64 11.51 4.37
N ALA A 151 -10.60 11.21 3.07
CA ALA A 151 -10.93 12.21 2.06
C ALA A 151 -12.36 12.70 2.22
N LYS A 152 -13.30 11.78 2.49
CA LYS A 152 -14.68 12.18 2.72
C LYS A 152 -14.82 12.94 4.03
N LEU A 153 -14.16 12.49 5.09
CA LEU A 153 -14.36 13.05 6.42
C LEU A 153 -13.95 14.52 6.47
N LEU A 154 -12.81 14.85 5.86
CA LEU A 154 -12.38 16.25 5.80
C LEU A 154 -13.11 17.03 4.72
N GLY A 155 -13.88 16.36 3.86
CA GLY A 155 -14.59 17.04 2.79
C GLY A 155 -13.69 17.64 1.73
N LEU A 156 -12.69 16.90 1.27
CA LEU A 156 -11.78 17.42 0.27
C LEU A 156 -12.41 17.36 -1.12
N LYS A 157 -11.63 17.74 -2.12
CA LYS A 157 -12.11 17.77 -3.49
C LYS A 157 -12.37 16.35 -3.99
N PRO A 158 -13.25 16.21 -4.99
CA PRO A 158 -13.40 14.90 -5.63
C PRO A 158 -12.13 14.38 -6.27
N THR A 159 -11.31 15.27 -6.82
CA THR A 159 -10.07 14.87 -7.48
C THR A 159 -8.95 14.79 -6.43
N VAL A 160 -9.08 13.79 -5.56
CA VAL A 160 -8.09 13.51 -4.53
C VAL A 160 -7.44 12.17 -4.89
N LYS A 161 -6.15 12.22 -5.21
CA LYS A 161 -5.40 11.01 -5.51
C LYS A 161 -4.93 10.37 -4.21
N ARG A 162 -5.24 9.10 -4.02
CA ARG A 162 -5.02 8.42 -2.75
C ARG A 162 -4.05 7.27 -2.94
N VAL A 163 -2.96 7.29 -2.19
CA VAL A 163 -1.99 6.19 -2.15
C VAL A 163 -2.10 5.55 -0.78
N MET A 164 -2.48 4.28 -0.74
CA MET A 164 -2.75 3.59 0.51
C MET A 164 -1.76 2.45 0.66
N MET A 165 -0.84 2.57 1.60
CA MET A 165 0.16 1.55 1.85
C MET A 165 -0.25 0.80 3.12
N TYR A 166 -0.78 -0.40 2.94
CA TYR A 166 -1.25 -1.23 4.05
C TYR A 166 -0.14 -2.14 4.53
N GLN A 167 -0.15 -2.40 5.85
CA GLN A 167 0.74 -3.36 6.49
C GLN A 167 2.22 -3.06 6.19
N THR A 168 2.58 -1.78 6.31
CA THR A 168 3.96 -1.39 6.05
C THR A 168 4.90 -1.90 7.13
N GLY A 169 4.52 -1.73 8.39
CA GLY A 169 5.35 -2.13 9.52
C GLY A 169 5.84 -0.92 10.29
N CYS A 170 6.83 -1.19 11.15
CA CYS A 170 7.37 -0.15 12.02
C CYS A 170 8.12 0.93 11.23
N PHE A 171 8.48 0.66 9.98
CA PHE A 171 9.03 1.68 9.10
C PHE A 171 7.96 2.36 8.26
N GLY A 172 6.69 2.15 8.60
CA GLY A 172 5.60 2.72 7.81
C GLY A 172 5.60 4.24 7.80
N GLY A 173 5.99 4.87 8.90
CA GLY A 173 6.09 6.32 8.91
C GLY A 173 7.17 6.81 7.97
N ALA A 174 8.32 6.14 7.96
CA ALA A 174 9.37 6.48 7.02
C ALA A 174 8.93 6.24 5.57
N SER A 175 8.22 5.12 5.34
CA SER A 175 7.72 4.84 4.00
C SER A 175 6.73 5.89 3.53
N VAL A 176 5.83 6.32 4.43
CA VAL A 176 4.90 7.40 4.11
C VAL A 176 5.66 8.68 3.80
N LEU A 177 6.69 9.00 4.59
CA LEU A 177 7.46 10.20 4.32
C LEU A 177 8.09 10.14 2.94
N ARG A 178 8.68 9.00 2.58
CA ARG A 178 9.33 8.87 1.27
C ARG A 178 8.32 8.94 0.13
N VAL A 179 7.21 8.21 0.25
CA VAL A 179 6.23 8.18 -0.82
C VAL A 179 5.55 9.53 -0.98
N ALA A 180 5.17 10.16 0.14
CA ALA A 180 4.60 11.50 0.08
C ALA A 180 5.60 12.51 -0.44
N LYS A 181 6.90 12.31 -0.17
CA LYS A 181 7.91 13.18 -0.74
C LYS A 181 7.93 13.06 -2.26
N ASP A 182 7.87 11.83 -2.78
CA ASP A 182 7.86 11.66 -4.22
C ASP A 182 6.57 12.18 -4.84
N LEU A 183 5.45 12.05 -4.12
CA LEU A 183 4.16 12.53 -4.63
C LEU A 183 4.12 14.04 -4.67
N ALA A 184 4.58 14.70 -3.60
CA ALA A 184 4.54 16.15 -3.53
C ALA A 184 5.60 16.78 -4.42
N GLU A 185 6.72 16.10 -4.64
CA GLU A 185 7.79 16.62 -5.48
C GLU A 185 7.54 16.38 -6.96
N ASN A 186 6.45 15.68 -7.32
CA ASN A 186 6.14 15.40 -8.72
C ASN A 186 4.87 16.09 -9.19
N ASN A 187 3.97 16.48 -8.30
CA ASN A 187 2.73 17.14 -8.65
C ASN A 187 2.75 18.57 -8.12
N LYS A 188 2.58 19.54 -9.01
CA LYS A 188 2.66 20.95 -8.62
C LYS A 188 1.46 21.33 -7.78
N GLY A 189 1.72 21.99 -6.65
CA GLY A 189 0.66 22.41 -5.76
C GLY A 189 -0.01 21.29 -4.98
N ALA A 190 0.50 20.06 -5.10
CA ALA A 190 -0.07 18.95 -4.38
C ALA A 190 0.14 19.13 -2.88
N ARG A 191 -0.91 18.88 -2.11
CA ARG A 191 -0.88 18.98 -0.65
C ARG A 191 -1.16 17.58 -0.11
N VAL A 192 -0.09 16.81 0.04
CA VAL A 192 -0.21 15.43 0.47
C VAL A 192 -0.47 15.39 1.97
N LEU A 193 -1.49 14.64 2.37
CA LEU A 193 -1.74 14.36 3.78
C LEU A 193 -1.01 13.07 4.12
N ALA A 194 0.24 13.20 4.56
CA ALA A 194 1.05 12.06 4.95
C ALA A 194 0.53 11.53 6.28
N VAL A 195 -0.24 10.44 6.21
CA VAL A 195 -0.92 9.91 7.38
C VAL A 195 -0.30 8.57 7.75
N ALA A 196 -0.07 8.38 9.05
CA ALA A 196 0.43 7.13 9.60
C ALA A 196 -0.40 6.72 10.81
N SER A 197 -1.72 6.81 10.68
CA SER A 197 -2.60 6.44 11.78
C SER A 197 -2.42 4.97 12.15
N GLU A 198 -2.28 4.71 13.44
CA GLU A 198 -1.97 3.37 13.93
C GLU A 198 -2.80 3.10 15.19
N VAL A 199 -3.89 2.36 15.03
CA VAL A 199 -4.71 1.92 16.16
C VAL A 199 -4.41 0.44 16.37
N THR A 200 -3.75 0.11 17.47
CA THR A 200 -3.27 -1.24 17.72
C THR A 200 -4.43 -2.16 18.13
N ALA A 201 -5.36 -2.34 17.20
CA ALA A 201 -6.49 -3.23 17.39
C ALA A 201 -6.28 -4.60 16.75
N VAL A 202 -5.72 -4.66 15.55
CA VAL A 202 -5.45 -5.95 14.93
C VAL A 202 -4.19 -6.60 15.48
N THR A 203 -3.28 -5.81 16.05
CA THR A 203 -2.06 -6.35 16.63
C THR A 203 -2.16 -6.57 18.13
N TYR A 204 -3.19 -6.03 18.78
CA TYR A 204 -3.41 -6.29 20.19
C TYR A 204 -3.62 -7.79 20.41
N ARG A 205 -2.92 -8.34 21.40
CA ARG A 205 -2.93 -9.78 21.59
C ARG A 205 -2.75 -10.09 23.08
N ALA A 206 -3.42 -11.15 23.52
CA ALA A 206 -3.22 -11.65 24.87
C ALA A 206 -1.81 -12.22 25.01
N PRO A 207 -1.23 -12.17 26.20
CA PRO A 207 0.12 -12.70 26.38
C PRO A 207 0.17 -14.20 26.16
N SER A 208 1.30 -14.67 25.64
CA SER A 208 1.52 -16.09 25.40
C SER A 208 3.00 -16.40 25.53
N GLU A 209 3.31 -17.54 26.13
CA GLU A 209 4.71 -17.94 26.30
C GLU A 209 5.38 -18.20 24.96
N ASN A 210 4.65 -18.81 24.02
CA ASN A 210 5.22 -19.17 22.73
C ASN A 210 5.67 -17.94 21.95
N HIS A 211 4.84 -16.89 21.94
CA HIS A 211 5.11 -15.69 21.16
C HIS A 211 5.81 -14.67 22.06
N LEU A 212 7.10 -14.91 22.31
CA LEU A 212 7.86 -14.01 23.18
C LEU A 212 8.04 -12.63 22.54
N ASP A 213 8.03 -12.56 21.21
CA ASP A 213 7.98 -11.25 20.56
C ASP A 213 6.66 -10.55 20.81
N GLY A 214 5.60 -11.31 21.09
CA GLY A 214 4.34 -10.71 21.49
C GLY A 214 4.46 -9.91 22.78
N LEU A 215 5.28 -10.40 23.72
CA LEU A 215 5.53 -9.63 24.94
C LEU A 215 6.17 -8.29 24.61
N VAL A 216 7.17 -8.29 23.74
CA VAL A 216 7.83 -7.04 23.36
C VAL A 216 6.85 -6.10 22.68
N GLY A 217 6.02 -6.65 21.77
CA GLY A 217 5.04 -5.82 21.11
C GLY A 217 4.04 -5.21 22.08
N SER A 218 3.47 -6.03 22.96
CA SER A 218 2.48 -5.54 23.91
C SER A 218 3.07 -4.51 24.86
N ALA A 219 4.29 -4.75 25.34
CA ALA A 219 4.96 -3.77 26.19
C ALA A 219 5.33 -2.50 25.43
N LEU A 220 5.46 -2.58 24.10
CA LEU A 220 5.87 -1.43 23.32
C LEU A 220 4.77 -0.79 22.49
N PHE A 221 3.84 -1.59 21.94
CA PHE A 221 2.92 -1.07 20.94
C PHE A 221 1.90 -0.13 21.59
N GLY A 222 1.84 1.10 21.07
CA GLY A 222 0.84 2.06 21.48
C GLY A 222 0.06 2.55 20.29
N ASP A 223 -1.05 3.21 20.57
CA ASP A 223 -1.98 3.68 19.55
C ASP A 223 -1.85 5.18 19.38
N GLY A 224 -1.73 5.63 18.14
CA GLY A 224 -1.60 7.04 17.86
C GLY A 224 -1.67 7.29 16.38
N ALA A 225 -2.00 8.54 16.04
CA ALA A 225 -2.14 8.96 14.65
C ALA A 225 -1.25 10.17 14.42
N GLY A 226 -0.37 10.08 13.44
CA GLY A 226 0.43 11.22 13.04
C GLY A 226 0.13 11.62 11.61
N VAL A 227 -0.22 12.87 11.40
CA VAL A 227 -0.55 13.38 10.06
C VAL A 227 0.39 14.54 9.75
N TYR A 228 1.07 14.44 8.61
CA TYR A 228 1.93 15.51 8.11
C TYR A 228 1.29 16.10 6.87
N VAL A 229 1.21 17.42 6.80
CA VAL A 229 0.83 18.12 5.57
C VAL A 229 2.12 18.30 4.77
N VAL A 230 2.36 17.40 3.83
CA VAL A 230 3.60 17.37 3.06
C VAL A 230 3.36 18.01 1.71
N GLY A 231 4.24 18.92 1.33
CA GLY A 231 4.15 19.54 0.03
C GLY A 231 5.40 20.33 -0.27
N SER A 232 5.57 20.64 -1.56
CA SER A 232 6.67 21.45 -2.03
C SER A 232 6.20 22.88 -2.27
N ASP A 233 7.17 23.80 -2.26
CA ASP A 233 6.92 25.22 -2.46
C ASP A 233 5.87 25.74 -1.48
N PRO A 234 6.21 25.84 -0.19
CA PRO A 234 5.24 26.40 0.76
C PRO A 234 4.97 27.87 0.47
N LYS A 235 3.75 28.29 0.74
CA LYS A 235 3.38 29.68 0.52
C LYS A 235 4.02 30.54 1.61
N PRO A 236 4.84 31.52 1.25
CA PRO A 236 5.47 32.37 2.28
C PRO A 236 4.42 33.14 3.09
N GLU A 237 4.71 33.30 4.38
CA GLU A 237 3.88 34.06 5.31
C GLU A 237 2.50 33.43 5.52
N VAL A 238 2.26 32.28 4.89
CA VAL A 238 1.01 31.55 5.07
C VAL A 238 1.33 30.13 5.53
N GLU A 239 2.20 29.46 4.79
CA GLU A 239 2.61 28.10 5.08
C GLU A 239 4.03 28.12 5.65
N LYS A 240 4.21 27.49 6.81
CA LYS A 240 5.57 27.41 7.30
C LYS A 240 6.07 25.97 7.26
N PRO A 241 7.32 25.75 6.85
CA PRO A 241 7.88 24.40 6.89
C PRO A 241 8.60 24.12 8.20
N LEU A 242 8.37 22.92 8.73
CA LEU A 242 9.02 22.47 9.95
C LEU A 242 10.21 21.56 9.69
N PHE A 243 10.07 20.62 8.75
CA PHE A 243 11.15 19.73 8.36
C PHE A 243 11.08 19.48 6.87
N GLU A 244 12.23 19.50 6.20
CA GLU A 244 12.31 19.22 4.77
C GLU A 244 13.07 17.92 4.56
N VAL A 245 12.41 16.97 3.89
CA VAL A 245 13.03 15.69 3.62
C VAL A 245 14.11 15.85 2.55
N HIS A 246 15.27 15.23 2.78
CA HIS A 246 16.39 15.34 1.86
C HIS A 246 16.83 14.01 1.27
N TRP A 247 16.53 12.88 1.89
CA TRP A 247 17.02 11.60 1.42
C TRP A 247 16.06 10.50 1.83
N ALA A 248 16.15 9.37 1.13
CA ALA A 248 15.34 8.20 1.43
C ALA A 248 16.01 6.98 0.82
N GLY A 249 16.14 5.92 1.62
CA GLY A 249 16.80 4.71 1.14
C GLY A 249 16.36 3.50 1.93
N GLU A 250 16.84 2.35 1.49
CA GLU A 250 16.43 1.07 2.07
C GLU A 250 17.39 -0.01 1.64
N THR A 251 17.90 -0.79 2.60
CA THR A 251 18.67 -1.98 2.29
C THR A 251 18.21 -3.14 3.17
N ILE A 252 18.35 -4.34 2.64
CA ILE A 252 18.14 -5.57 3.41
C ILE A 252 19.49 -5.98 3.96
N LEU A 253 19.68 -5.78 5.26
CA LEU A 253 20.97 -6.03 5.88
C LEU A 253 21.32 -7.51 5.82
N PRO A 254 22.62 -7.85 5.78
CA PRO A 254 23.02 -9.21 5.38
C PRO A 254 22.43 -10.33 6.22
N GLU A 255 22.21 -10.12 7.53
CA GLU A 255 21.74 -11.17 8.41
C GLU A 255 20.24 -11.10 8.63
N SER A 256 19.49 -10.74 7.57
CA SER A 256 18.05 -10.54 7.66
C SER A 256 17.35 -11.74 7.03
N ASP A 257 16.93 -12.68 7.88
CA ASP A 257 16.22 -13.89 7.42
C ASP A 257 15.15 -14.22 8.46
N GLY A 258 13.95 -13.69 8.24
CA GLY A 258 12.83 -14.00 9.13
C GLY A 258 12.96 -13.46 10.53
N ALA A 259 13.77 -12.42 10.74
CA ALA A 259 13.92 -11.85 12.08
C ALA A 259 12.59 -11.32 12.60
N ILE A 260 11.91 -10.51 11.79
CA ILE A 260 10.56 -10.04 12.10
C ILE A 260 9.64 -10.53 11.00
N ASP A 261 8.59 -11.25 11.38
CA ASP A 261 7.67 -11.86 10.42
C ASP A 261 6.25 -11.48 10.80
N GLY A 262 5.66 -10.58 10.02
CA GLY A 262 4.30 -10.14 10.28
C GLY A 262 3.27 -10.77 9.36
N HIS A 263 2.50 -11.71 9.90
CA HIS A 263 1.43 -12.38 9.17
C HIS A 263 0.09 -11.88 9.68
N LEU A 264 -0.69 -11.26 8.80
CA LEU A 264 -2.04 -10.83 9.15
C LEU A 264 -2.98 -12.01 8.94
N THR A 265 -2.99 -12.90 9.93
CA THR A 265 -3.80 -14.10 9.86
C THR A 265 -5.25 -13.77 10.21
N GLU A 266 -6.06 -14.80 10.44
CA GLU A 266 -7.47 -14.55 10.84
C GLU A 266 -7.50 -13.97 12.27
N ALA A 267 -6.43 -14.14 13.04
CA ALA A 267 -6.36 -13.60 14.39
C ALA A 267 -5.79 -12.19 14.45
N GLY A 268 -5.46 -11.60 13.32
CA GLY A 268 -4.89 -10.28 13.27
C GLY A 268 -3.43 -10.31 12.85
N LEU A 269 -2.74 -9.22 13.19
CA LEU A 269 -1.32 -9.08 12.86
C LEU A 269 -0.45 -9.70 13.95
N ILE A 270 0.42 -10.62 13.55
CA ILE A 270 1.27 -11.36 14.48
C ILE A 270 2.73 -11.14 14.10
N PHE A 271 3.55 -10.75 15.08
CA PHE A 271 4.98 -10.57 14.90
C PHE A 271 5.70 -11.82 15.37
N HIS A 272 5.65 -12.88 14.56
CA HIS A 272 6.30 -14.12 14.93
C HIS A 272 7.82 -13.94 14.97
N LEU A 273 8.45 -14.56 15.96
CA LEU A 273 9.88 -14.38 16.22
C LEU A 273 10.64 -15.62 15.77
N MET A 274 11.74 -15.41 15.08
CA MET A 274 12.71 -16.45 14.78
C MET A 274 14.10 -16.13 15.29
N LYS A 275 14.43 -14.85 15.45
CA LYS A 275 15.71 -14.39 15.96
C LYS A 275 15.47 -13.30 16.99
N ASP A 276 16.54 -12.87 17.65
CA ASP A 276 16.46 -11.81 18.65
C ASP A 276 16.29 -10.48 17.94
N VAL A 277 15.05 -9.99 17.89
CA VAL A 277 14.72 -8.77 17.14
C VAL A 277 15.49 -7.58 17.71
N PRO A 278 15.37 -7.25 19.01
CA PRO A 278 16.15 -6.09 19.50
C PRO A 278 17.63 -6.21 19.21
N GLY A 279 18.21 -7.38 19.48
CA GLY A 279 19.63 -7.58 19.24
C GLY A 279 20.00 -7.46 17.77
N LEU A 280 19.22 -8.08 16.89
CA LEU A 280 19.57 -8.10 15.48
C LEU A 280 19.44 -6.71 14.85
N ILE A 281 18.31 -6.06 15.11
CA ILE A 281 18.09 -4.68 14.58
C ILE A 281 19.22 -3.80 15.12
N SER A 282 19.48 -3.85 16.43
CA SER A 282 20.49 -2.99 17.03
C SER A 282 21.87 -3.24 16.43
N LYS A 283 22.23 -4.51 16.22
CA LYS A 283 23.52 -4.84 15.63
C LYS A 283 23.59 -4.48 14.16
N ASN A 284 22.44 -4.32 13.48
CA ASN A 284 22.43 -4.14 12.04
C ASN A 284 22.17 -2.70 11.58
N ILE A 285 21.74 -1.82 12.47
CA ILE A 285 21.39 -0.46 12.04
C ILE A 285 22.60 0.27 11.45
N GLU A 286 23.77 0.15 12.10
CA GLU A 286 24.94 0.91 11.67
C GLU A 286 25.31 0.61 10.23
N LYS A 287 25.00 -0.60 9.75
CA LYS A 287 25.42 -1.03 8.41
C LYS A 287 24.93 -0.07 7.34
N PHE A 288 23.66 0.34 7.43
CA PHE A 288 23.15 1.34 6.50
C PHE A 288 23.29 2.76 7.02
N LEU A 289 23.38 2.95 8.34
CA LEU A 289 23.55 4.30 8.86
C LEU A 289 24.86 4.91 8.38
N ASN A 290 25.90 4.09 8.22
CA ASN A 290 27.19 4.63 7.78
C ASN A 290 27.11 5.25 6.39
N GLU A 291 26.39 4.58 5.47
CA GLU A 291 26.35 5.05 4.09
C GLU A 291 25.23 6.06 3.84
N ALA A 292 24.13 6.00 4.59
CA ALA A 292 23.04 6.96 4.38
C ALA A 292 23.44 8.39 4.72
N ARG A 293 24.55 8.58 5.43
CA ARG A 293 25.00 9.92 5.81
C ARG A 293 25.59 10.69 4.63
N LYS A 294 26.37 10.01 3.79
CA LYS A 294 27.10 10.68 2.68
C LYS A 294 26.27 11.77 1.99
N PRO A 295 25.06 11.50 1.43
CA PRO A 295 24.32 12.53 0.71
C PRO A 295 24.36 13.85 1.46
N VAL A 296 24.14 13.81 2.77
CA VAL A 296 24.15 15.03 3.62
C VAL A 296 25.56 15.66 3.58
N GLY A 297 26.59 14.86 3.80
CA GLY A 297 27.97 15.39 3.85
C GLY A 297 28.59 15.17 5.21
N SER A 298 27.97 14.33 6.05
CA SER A 298 28.50 14.05 7.41
C SER A 298 28.76 15.36 8.17
N PRO A 299 27.74 16.09 8.69
CA PRO A 299 28.03 17.27 9.50
C PRO A 299 28.86 16.71 10.63
N ALA A 300 28.28 15.80 11.42
CA ALA A 300 29.03 15.12 12.50
C ALA A 300 28.13 14.04 13.10
N TRP A 301 28.67 12.85 13.34
CA TRP A 301 27.87 11.75 13.95
C TRP A 301 27.17 12.27 15.20
N ASN A 302 27.78 13.24 15.89
CA ASN A 302 27.18 13.82 17.13
C ASN A 302 26.67 15.23 16.86
N GLU A 303 26.51 15.59 15.58
CA GLU A 303 25.90 16.91 15.26
C GLU A 303 24.61 16.64 14.45
N MET A 304 23.94 15.53 14.77
CA MET A 304 22.69 15.16 14.04
C MET A 304 21.64 14.67 15.04
N PHE A 305 20.44 15.26 15.01
CA PHE A 305 19.38 14.76 15.87
C PHE A 305 18.92 13.40 15.36
N TRP A 306 18.21 12.68 16.23
CA TRP A 306 17.90 11.28 15.98
C TRP A 306 16.39 11.05 16.09
N ALA A 307 15.70 11.16 14.96
CA ALA A 307 14.30 10.76 14.88
C ALA A 307 14.21 9.26 14.61
N VAL A 308 14.77 8.50 15.54
CA VAL A 308 14.79 7.04 15.43
C VAL A 308 13.46 6.49 15.92
N HIS A 309 12.96 5.48 15.23
CA HIS A 309 11.77 4.80 15.68
C HIS A 309 12.08 4.08 16.99
N PRO A 310 11.38 4.40 18.08
CA PRO A 310 11.70 3.76 19.38
C PRO A 310 11.20 2.33 19.48
N GLY A 311 12.00 1.42 18.92
CA GLY A 311 11.64 0.01 18.89
C GLY A 311 12.03 -0.76 20.12
N GLY A 312 12.39 -0.05 21.20
CA GLY A 312 12.81 -0.66 22.42
C GLY A 312 14.18 -0.20 22.85
N PRO A 313 14.38 -0.06 24.16
CA PRO A 313 15.64 0.54 24.66
C PRO A 313 16.89 -0.22 24.28
N ALA A 314 16.78 -1.49 23.90
CA ALA A 314 17.95 -2.17 23.37
C ALA A 314 18.46 -1.45 22.12
N ILE A 315 17.56 -1.07 21.21
CA ILE A 315 18.00 -0.42 19.99
C ILE A 315 18.72 0.89 20.29
N LEU A 316 18.12 1.74 21.12
CA LEU A 316 18.76 3.00 21.49
C LEU A 316 20.09 2.77 22.20
N ASP A 317 20.14 1.81 23.13
CA ASP A 317 21.37 1.59 23.89
C ASP A 317 22.51 1.14 22.99
N GLN A 318 22.29 0.14 22.14
CA GLN A 318 23.38 -0.33 21.30
C GLN A 318 23.72 0.65 20.19
N VAL A 319 22.75 1.38 19.64
CA VAL A 319 23.09 2.40 18.65
C VAL A 319 23.97 3.49 19.28
N GLU A 320 23.59 3.93 20.49
CA GLU A 320 24.38 4.92 21.20
C GLU A 320 25.79 4.41 21.49
N ALA A 321 25.89 3.16 21.95
CA ALA A 321 27.19 2.59 22.29
C ALA A 321 28.07 2.45 21.06
N LYS A 322 27.51 1.99 19.94
CA LYS A 322 28.32 1.71 18.76
C LYS A 322 28.72 3.01 18.06
N LEU A 323 27.81 3.97 17.95
CA LEU A 323 28.08 5.20 17.22
C LEU A 323 28.56 6.33 18.13
N LYS A 324 28.70 6.07 19.42
CA LYS A 324 29.28 7.02 20.38
C LYS A 324 28.50 8.34 20.39
N LEU A 325 27.24 8.25 20.81
CA LEU A 325 26.35 9.39 20.84
C LEU A 325 26.20 9.94 22.25
N THR A 326 26.06 11.26 22.34
CA THR A 326 25.77 11.90 23.61
C THR A 326 24.36 11.54 24.08
N LYS A 327 24.15 11.61 25.40
CA LYS A 327 22.87 11.21 25.96
C LYS A 327 21.74 12.08 25.45
N ASP A 328 21.98 13.39 25.33
CA ASP A 328 20.94 14.31 24.87
C ASP A 328 20.65 14.18 23.38
N LYS A 329 21.50 13.49 22.62
CA LYS A 329 21.29 13.39 21.18
C LYS A 329 20.06 12.55 20.85
N MET A 330 19.80 11.50 21.63
CA MET A 330 18.74 10.56 21.30
C MET A 330 17.63 10.62 22.34
N GLN A 331 17.47 11.78 22.98
CA GLN A 331 16.50 11.95 24.06
C GLN A 331 15.07 12.06 23.55
N GLY A 332 14.86 12.62 22.34
CA GLY A 332 13.51 12.75 21.84
C GLY A 332 12.83 11.42 21.59
N SER A 333 13.57 10.47 21.02
CA SER A 333 13.01 9.13 20.81
C SER A 333 12.64 8.48 22.13
N ARG A 334 13.51 8.63 23.15
CA ARG A 334 13.19 8.09 24.47
C ARG A 334 11.98 8.79 25.08
N ASP A 335 11.84 10.10 24.87
CA ASP A 335 10.69 10.83 25.39
C ASP A 335 9.40 10.34 24.76
N ILE A 336 9.40 10.13 23.44
CA ILE A 336 8.22 9.58 22.79
C ILE A 336 7.95 8.16 23.25
N LEU A 337 9.02 7.38 23.47
CA LEU A 337 8.85 6.03 23.98
C LEU A 337 8.19 6.04 25.35
N SER A 338 8.58 6.98 26.21
CA SER A 338 8.02 7.04 27.56
C SER A 338 6.59 7.57 27.55
N GLU A 339 6.29 8.55 26.69
CA GLU A 339 4.99 9.20 26.72
C GLU A 339 3.93 8.49 25.89
N PHE A 340 4.32 7.76 24.84
CA PHE A 340 3.38 7.12 23.94
C PHE A 340 3.73 5.68 23.59
N GLY A 341 4.94 5.23 23.88
CA GLY A 341 5.34 3.90 23.48
C GLY A 341 5.74 3.83 22.02
N ASN A 342 5.67 2.62 21.46
CA ASN A 342 5.99 2.36 20.07
C ASN A 342 4.69 2.31 19.28
N MET A 343 4.42 3.36 18.49
CA MET A 343 3.20 3.46 17.71
C MET A 343 3.41 3.08 16.25
N SER A 344 4.31 2.12 16.02
CA SER A 344 4.58 1.62 14.64
C SER A 344 4.89 2.78 13.68
N SER A 345 4.06 2.94 12.64
CA SER A 345 4.31 3.97 11.64
C SER A 345 4.27 5.37 12.25
N ALA A 346 3.29 5.63 13.11
CA ALA A 346 3.14 6.95 13.71
C ALA A 346 4.24 7.27 14.72
N SER A 347 5.00 6.27 15.16
CA SER A 347 5.98 6.50 16.22
C SER A 347 7.05 7.48 15.80
N VAL A 348 7.56 7.33 14.58
CA VAL A 348 8.62 8.22 14.11
C VAL A 348 8.10 9.63 13.90
N LEU A 349 6.86 9.76 13.42
CA LEU A 349 6.26 11.08 13.27
C LEU A 349 6.10 11.76 14.63
N PHE A 350 5.67 11.01 15.64
CA PHE A 350 5.59 11.57 16.98
C PHE A 350 6.96 11.92 17.52
N VAL A 351 7.99 11.14 17.17
CA VAL A 351 9.35 11.45 17.60
C VAL A 351 9.79 12.78 17.01
N LEU A 352 9.51 13.00 15.72
CA LEU A 352 9.85 14.26 15.09
C LEU A 352 9.09 15.42 15.72
N ASP A 353 7.80 15.23 16.00
CA ASP A 353 7.01 16.27 16.65
C ASP A 353 7.56 16.60 18.03
N GLN A 354 7.94 15.58 18.80
CA GLN A 354 8.50 15.79 20.12
C GLN A 354 9.86 16.47 20.05
N ILE A 355 10.65 16.16 19.02
CA ILE A 355 11.92 16.85 18.82
C ILE A 355 11.67 18.33 18.58
N ARG A 356 10.67 18.65 17.75
CA ARG A 356 10.30 20.05 17.54
C ARG A 356 9.84 20.71 18.84
N HIS A 357 9.03 20.00 19.62
CA HIS A 357 8.53 20.56 20.87
C HIS A 357 9.66 20.81 21.87
N ARG A 358 10.60 19.88 21.96
CA ARG A 358 11.76 20.06 22.84
C ARG A 358 12.62 21.22 22.37
N SER A 359 12.78 21.37 21.05
CA SER A 359 13.55 22.47 20.52
C SER A 359 12.91 23.81 20.86
N VAL A 360 11.59 23.91 20.73
CA VAL A 360 10.91 25.16 21.03
C VAL A 360 10.77 25.41 22.53
N LYS A 361 10.82 24.36 23.35
CA LYS A 361 10.68 24.52 24.79
C LYS A 361 11.95 25.08 25.42
N MET A 362 13.12 24.59 25.01
CA MET A 362 14.39 25.04 25.56
C MET A 362 15.04 26.13 24.72
N GLY A 363 14.34 26.61 23.69
CA GLY A 363 14.91 27.64 22.84
C GLY A 363 16.10 27.19 22.01
N ALA A 364 16.01 26.00 21.42
CA ALA A 364 17.09 25.52 20.57
C ALA A 364 17.18 26.34 19.29
N SER A 365 18.36 26.36 18.69
CA SER A 365 18.58 27.17 17.49
C SER A 365 17.74 26.66 16.33
N THR A 366 17.64 25.35 16.18
CA THR A 366 16.82 24.73 15.14
C THR A 366 15.70 23.91 15.78
N LEU A 367 14.83 23.37 14.94
CA LEU A 367 13.79 22.47 15.39
C LEU A 367 14.30 21.05 15.65
N GLY A 368 15.61 20.85 15.60
CA GLY A 368 16.21 19.56 15.88
C GLY A 368 17.23 19.62 16.99
N GLU A 369 16.93 20.42 18.04
CA GLU A 369 17.83 20.62 19.17
C GLU A 369 19.17 21.20 18.74
N GLY A 370 19.16 22.06 17.72
CA GLY A 370 20.35 22.68 17.21
C GLY A 370 21.01 21.95 16.06
N SER A 371 20.68 20.68 15.85
CA SER A 371 21.28 19.90 14.78
C SER A 371 20.58 20.20 13.46
N GLU A 372 21.37 20.51 12.43
CA GLU A 372 20.80 20.87 11.14
C GLU A 372 20.19 19.68 10.43
N PHE A 373 20.70 18.47 10.67
CA PHE A 373 20.25 17.28 9.98
C PHE A 373 19.92 16.19 10.99
N GLY A 374 19.08 15.25 10.56
CA GLY A 374 18.65 14.18 11.45
C GLY A 374 18.29 12.93 10.68
N PHE A 375 18.20 11.83 11.41
CA PHE A 375 17.88 10.52 10.86
C PHE A 375 16.42 10.19 11.15
N PHE A 376 15.61 10.05 10.10
CA PHE A 376 14.25 9.54 10.23
C PHE A 376 14.32 8.03 9.99
N ILE A 377 14.62 7.31 11.06
CA ILE A 377 14.98 5.90 10.97
C ILE A 377 13.73 5.04 11.17
N GLY A 378 13.51 4.14 10.22
CA GLY A 378 12.47 3.13 10.36
C GLY A 378 12.99 1.78 9.98
N PHE A 379 12.66 0.77 10.79
CA PHE A 379 13.07 -0.61 10.54
C PHE A 379 11.88 -1.53 10.73
N GLY A 380 11.85 -2.60 9.95
CA GLY A 380 10.75 -3.54 10.00
C GLY A 380 11.14 -4.94 9.58
N PRO A 381 10.14 -5.73 9.18
CA PRO A 381 10.42 -7.11 8.77
C PRO A 381 11.40 -7.18 7.61
N GLY A 382 12.27 -8.18 7.65
CA GLY A 382 13.33 -8.27 6.66
C GLY A 382 14.47 -7.32 6.89
N LEU A 383 14.47 -6.61 8.02
CA LEU A 383 15.52 -5.65 8.37
C LEU A 383 15.75 -4.62 7.29
N THR A 384 14.68 -4.23 6.60
CA THR A 384 14.75 -3.05 5.75
C THR A 384 14.98 -1.83 6.63
N LEU A 385 15.97 -1.02 6.26
CA LEU A 385 16.35 0.15 7.04
C LEU A 385 15.88 1.39 6.29
N GLU A 386 14.62 1.76 6.51
CA GLU A 386 14.07 2.97 5.93
C GLU A 386 14.68 4.17 6.63
N VAL A 387 15.56 4.88 5.93
CA VAL A 387 16.31 6.00 6.49
C VAL A 387 16.02 7.23 5.66
N LEU A 388 15.59 8.31 6.32
CA LEU A 388 15.41 9.60 5.69
C LEU A 388 16.22 10.64 6.46
N VAL A 389 16.97 11.46 5.74
CA VAL A 389 17.72 12.54 6.34
C VAL A 389 16.91 13.81 6.22
N LEU A 390 16.59 14.42 7.37
CA LEU A 390 15.75 15.60 7.43
C LEU A 390 16.58 16.84 7.75
N ARG A 391 16.02 18.00 7.46
CA ARG A 391 16.64 19.28 7.76
C ARG A 391 15.66 20.08 8.62
N ALA A 392 16.04 20.31 9.88
CA ALA A 392 15.16 21.01 10.81
C ALA A 392 15.08 22.49 10.48
N ALA A 393 13.89 23.06 10.65
CA ALA A 393 13.71 24.49 10.44
C ALA A 393 14.32 25.26 11.61
N PRO A 394 14.71 26.52 11.39
CA PRO A 394 15.30 27.31 12.47
C PRO A 394 14.29 27.63 13.56
N ASN A 395 14.83 27.88 14.75
CA ASN A 395 14.04 28.27 15.93
C ASN A 395 12.96 27.25 16.27
N ARG B 14 18.88 19.30 -4.03
CA ARG B 14 18.32 18.01 -4.42
C ARG B 14 19.35 16.90 -4.22
N ALA B 15 19.34 16.31 -3.02
CA ALA B 15 20.31 15.26 -2.71
C ALA B 15 20.11 14.03 -3.59
N GLN B 16 18.85 13.62 -3.79
CA GLN B 16 18.55 12.50 -4.66
C GLN B 16 18.10 13.04 -6.00
N PRO B 17 18.90 12.89 -7.06
CA PRO B 17 18.50 13.45 -8.37
C PRO B 17 17.24 12.78 -8.89
N ARG B 18 16.47 13.54 -9.65
CA ARG B 18 15.21 13.07 -10.21
C ARG B 18 15.35 12.86 -11.71
N ALA B 19 14.30 12.31 -12.30
CA ALA B 19 14.27 12.06 -13.73
C ALA B 19 13.88 13.33 -14.48
N GLU B 20 14.04 13.28 -15.81
CA GLU B 20 13.76 14.42 -16.67
C GLU B 20 12.80 14.06 -17.80
N GLY B 21 12.07 12.96 -17.67
CA GLY B 21 11.15 12.54 -18.69
C GLY B 21 9.94 11.83 -18.13
N PRO B 22 8.90 11.65 -18.94
CA PRO B 22 7.71 10.95 -18.48
C PRO B 22 7.99 9.47 -18.25
N ALA B 23 7.20 8.87 -17.37
CA ALA B 23 7.32 7.44 -17.13
C ALA B 23 6.99 6.67 -18.40
N CYS B 24 7.81 5.68 -18.72
CA CYS B 24 7.64 4.86 -19.90
C CYS B 24 7.64 3.40 -19.51
N VAL B 25 6.91 2.60 -20.27
CA VAL B 25 6.87 1.15 -20.08
C VAL B 25 7.96 0.57 -20.99
N LEU B 26 9.12 0.25 -20.40
CA LEU B 26 10.26 -0.25 -21.15
C LEU B 26 10.21 -1.76 -21.37
N GLY B 27 9.29 -2.45 -20.71
CA GLY B 27 9.14 -3.87 -20.91
C GLY B 27 7.89 -4.40 -20.25
N ILE B 28 7.10 -5.17 -20.99
CA ILE B 28 5.86 -5.73 -20.48
C ILE B 28 6.07 -7.23 -20.29
N GLY B 29 5.88 -7.69 -19.07
CA GLY B 29 5.96 -9.10 -18.77
C GLY B 29 4.66 -9.60 -18.21
N THR B 30 3.97 -10.46 -18.97
CA THR B 30 2.69 -11.01 -18.56
C THR B 30 2.87 -12.50 -18.32
N ALA B 31 2.76 -12.91 -17.07
CA ALA B 31 2.89 -14.30 -16.67
C ALA B 31 1.56 -14.80 -16.12
N VAL B 32 1.14 -15.96 -16.60
CA VAL B 32 -0.09 -16.59 -16.11
C VAL B 32 0.25 -18.00 -15.66
N PRO B 33 -0.47 -18.55 -14.69
CA PRO B 33 -0.22 -19.93 -14.30
C PRO B 33 -0.44 -20.87 -15.46
N PRO B 34 0.32 -21.97 -15.55
CA PRO B 34 0.17 -22.88 -16.70
C PRO B 34 -1.22 -23.44 -16.86
N ALA B 35 -1.94 -23.68 -15.76
CA ALA B 35 -3.29 -24.23 -15.86
C ALA B 35 -4.24 -23.22 -16.48
N GLU B 36 -5.12 -23.71 -17.35
CA GLU B 36 -6.08 -22.88 -18.06
C GLU B 36 -7.46 -23.50 -17.96
N PHE B 37 -8.49 -22.66 -17.97
CA PHE B 37 -9.87 -23.10 -17.87
C PHE B 37 -10.69 -22.39 -18.92
N LEU B 38 -11.69 -23.09 -19.46
CA LEU B 38 -12.56 -22.55 -20.49
C LEU B 38 -13.87 -22.10 -19.85
N GLN B 39 -14.27 -20.86 -20.16
CA GLN B 39 -15.52 -20.33 -19.61
C GLN B 39 -16.73 -21.10 -20.11
N SER B 40 -16.61 -21.80 -21.24
CA SER B 40 -17.68 -22.70 -21.66
C SER B 40 -17.87 -23.82 -20.64
N GLU B 41 -16.77 -24.33 -20.10
CA GLU B 41 -16.80 -25.39 -19.09
C GLU B 41 -16.47 -24.88 -17.70
N TYR B 42 -16.18 -23.59 -17.54
CA TYR B 42 -15.86 -23.07 -16.21
C TYR B 42 -17.00 -23.19 -15.21
N PRO B 43 -18.26 -22.86 -15.52
CA PRO B 43 -19.31 -22.99 -14.49
C PRO B 43 -19.42 -24.39 -13.91
N ASP B 44 -19.34 -25.43 -14.75
CA ASP B 44 -19.44 -26.79 -14.24
C ASP B 44 -18.27 -27.12 -13.33
N PHE B 45 -17.05 -26.77 -13.75
CA PHE B 45 -15.87 -27.05 -12.94
C PHE B 45 -15.93 -26.29 -11.62
N PHE B 46 -16.39 -25.05 -11.65
CA PHE B 46 -16.40 -24.21 -10.45
C PHE B 46 -17.50 -24.67 -9.48
N PHE B 47 -18.64 -25.10 -9.99
CA PHE B 47 -19.69 -25.61 -9.13
C PHE B 47 -19.45 -27.05 -8.69
N ASN B 48 -18.51 -27.75 -9.33
CA ASN B 48 -18.15 -29.10 -8.89
C ASN B 48 -17.04 -29.05 -7.85
N ILE B 49 -16.01 -28.24 -8.08
CA ILE B 49 -14.83 -28.25 -7.21
C ILE B 49 -15.17 -27.75 -5.82
N THR B 50 -16.07 -26.79 -5.70
CA THR B 50 -16.47 -26.27 -4.40
C THR B 50 -17.63 -27.06 -3.79
N ASN B 51 -18.02 -28.17 -4.41
CA ASN B 51 -19.09 -29.03 -3.90
C ASN B 51 -20.39 -28.27 -3.72
N CYS B 52 -20.68 -27.36 -4.64
CA CYS B 52 -21.86 -26.52 -4.61
C CYS B 52 -22.53 -26.50 -5.98
N GLY B 53 -22.67 -27.67 -6.58
CA GLY B 53 -23.27 -27.80 -7.90
C GLY B 53 -24.74 -28.17 -7.92
N GLU B 54 -25.36 -28.41 -6.76
CA GLU B 54 -26.76 -28.79 -6.72
C GLU B 54 -27.71 -27.60 -6.74
N LYS B 55 -27.20 -26.38 -6.56
CA LYS B 55 -28.03 -25.17 -6.57
C LYS B 55 -28.37 -24.83 -8.01
N GLU B 56 -29.43 -25.48 -8.51
CA GLU B 56 -29.74 -25.43 -9.94
C GLU B 56 -30.08 -24.03 -10.40
N ALA B 57 -30.91 -23.30 -9.65
CA ALA B 57 -31.30 -21.96 -10.06
C ALA B 57 -30.12 -21.00 -10.04
N LEU B 58 -29.34 -21.05 -8.96
CA LEU B 58 -28.15 -20.20 -8.89
C LEU B 58 -27.11 -20.66 -9.92
N LYS B 59 -27.06 -21.96 -10.20
CA LYS B 59 -26.20 -22.45 -11.27
C LYS B 59 -26.59 -21.83 -12.61
N ALA B 60 -27.90 -21.77 -12.90
CA ALA B 60 -28.37 -21.17 -14.15
C ALA B 60 -28.09 -19.67 -14.18
N LYS B 61 -28.21 -19.00 -13.03
CA LYS B 61 -27.85 -17.59 -12.97
C LYS B 61 -26.37 -17.39 -13.29
N PHE B 62 -25.50 -18.26 -12.75
CA PHE B 62 -24.09 -18.20 -13.08
C PHE B 62 -23.86 -18.47 -14.56
N LYS B 63 -24.60 -19.41 -15.14
CA LYS B 63 -24.55 -19.63 -16.58
C LYS B 63 -24.87 -18.36 -17.34
N ARG B 64 -25.95 -17.69 -16.96
CA ARG B 64 -26.36 -16.48 -17.66
C ARG B 64 -25.30 -15.40 -17.56
N ILE B 65 -24.71 -15.24 -16.36
CA ILE B 65 -23.64 -14.25 -16.19
C ILE B 65 -22.42 -14.63 -17.03
N CYS B 66 -22.07 -15.92 -17.06
CA CYS B 66 -20.86 -16.36 -17.75
C CYS B 66 -20.98 -16.18 -19.26
N ASP B 67 -22.06 -16.68 -19.87
CA ASP B 67 -22.23 -16.48 -21.30
C ASP B 67 -22.53 -15.02 -21.64
N LYS B 68 -23.13 -14.27 -20.72
CA LYS B 68 -23.17 -12.83 -20.90
C LYS B 68 -21.77 -12.23 -20.84
N SER B 69 -20.93 -12.73 -19.93
CA SER B 69 -19.55 -12.27 -19.84
C SER B 69 -18.79 -12.62 -21.10
N GLY B 70 -18.11 -11.63 -21.68
CA GLY B 70 -17.30 -11.87 -22.85
C GLY B 70 -16.02 -12.61 -22.50
N ILE B 71 -16.17 -13.77 -21.88
CA ILE B 71 -15.05 -14.55 -21.35
C ILE B 71 -15.08 -15.92 -21.98
N ARG B 72 -13.92 -16.39 -22.45
CA ARG B 72 -13.76 -17.72 -23.00
C ARG B 72 -12.76 -18.57 -22.23
N LYS B 73 -11.64 -17.98 -21.82
CA LYS B 73 -10.56 -18.70 -21.18
C LYS B 73 -10.11 -17.98 -19.92
N ARG B 74 -9.64 -18.74 -18.95
CA ARG B 74 -9.17 -18.19 -17.68
C ARG B 74 -7.93 -18.94 -17.21
N HIS B 75 -6.94 -18.20 -16.73
CA HIS B 75 -5.70 -18.77 -16.19
C HIS B 75 -5.69 -18.56 -14.69
N MET B 76 -5.62 -19.65 -13.93
CA MET B 76 -5.58 -19.58 -12.48
C MET B 76 -4.54 -20.55 -11.93
N PHE B 77 -3.92 -20.16 -10.83
CA PHE B 77 -3.04 -21.06 -10.10
C PHE B 77 -3.79 -22.08 -9.27
N LEU B 78 -5.10 -21.89 -9.08
CA LEU B 78 -5.86 -22.80 -8.23
C LEU B 78 -5.90 -24.21 -8.82
N THR B 79 -5.89 -24.33 -10.15
CA THR B 79 -5.90 -25.60 -10.85
C THR B 79 -6.89 -26.59 -10.23
N GLU B 80 -6.45 -27.82 -10.03
CA GLU B 80 -7.17 -28.78 -9.21
C GLU B 80 -6.35 -29.29 -8.05
N GLU B 81 -5.07 -29.62 -8.28
CA GLU B 81 -4.22 -30.09 -7.19
C GLU B 81 -4.07 -29.02 -6.12
N VAL B 82 -3.91 -27.76 -6.52
CA VAL B 82 -3.81 -26.68 -5.55
C VAL B 82 -5.12 -26.52 -4.79
N LEU B 83 -6.25 -26.61 -5.49
CA LEU B 83 -7.53 -26.42 -4.82
C LEU B 83 -7.81 -27.52 -3.80
N LYS B 84 -7.49 -28.77 -4.14
CA LYS B 84 -7.69 -29.85 -3.15
C LYS B 84 -6.64 -29.81 -2.05
N ALA B 85 -5.43 -29.32 -2.35
CA ALA B 85 -4.40 -29.20 -1.32
C ALA B 85 -4.73 -28.15 -0.28
N ASN B 86 -5.57 -27.17 -0.63
CA ASN B 86 -5.95 -26.08 0.27
C ASN B 86 -7.48 -25.98 0.29
N PRO B 87 -8.15 -26.91 0.97
CA PRO B 87 -9.61 -26.97 0.87
C PRO B 87 -10.33 -25.77 1.47
N GLY B 88 -9.67 -24.97 2.30
CA GLY B 88 -10.34 -23.85 2.94
C GLY B 88 -10.88 -22.83 1.96
N ILE B 89 -10.26 -22.71 0.79
CA ILE B 89 -10.73 -21.76 -0.22
C ILE B 89 -12.06 -22.22 -0.82
N CYS B 90 -12.24 -23.53 -0.98
CA CYS B 90 -13.44 -24.05 -1.62
C CYS B 90 -14.72 -23.77 -0.85
N THR B 91 -14.62 -23.37 0.41
CA THR B 91 -15.79 -23.12 1.23
C THR B 91 -16.22 -21.67 1.14
N TYR B 92 -17.40 -21.37 1.68
CA TYR B 92 -17.95 -20.02 1.73
C TYR B 92 -18.10 -19.59 3.18
N MET B 93 -17.65 -18.37 3.47
CA MET B 93 -17.76 -17.78 4.82
C MET B 93 -17.14 -18.67 5.88
N GLU B 94 -15.97 -19.23 5.57
CA GLU B 94 -15.18 -19.96 6.55
C GLU B 94 -13.81 -19.31 6.68
N PRO B 95 -13.31 -19.13 7.90
CA PRO B 95 -12.03 -18.43 8.07
C PRO B 95 -10.89 -19.17 7.42
N SER B 96 -10.34 -18.60 6.34
CA SER B 96 -9.30 -19.28 5.58
C SER B 96 -8.20 -18.33 5.12
N LEU B 97 -8.09 -17.15 5.72
CA LEU B 97 -7.06 -16.20 5.30
C LEU B 97 -5.66 -16.73 5.50
N ASN B 98 -5.46 -17.69 6.42
CA ASN B 98 -4.12 -18.23 6.65
C ASN B 98 -3.62 -19.02 5.45
N VAL B 99 -4.43 -19.96 4.97
CA VAL B 99 -3.98 -20.82 3.87
C VAL B 99 -3.92 -20.02 2.56
N ARG B 100 -4.90 -19.14 2.33
CA ARG B 100 -4.83 -18.25 1.18
C ARG B 100 -3.61 -17.36 1.26
N HIS B 101 -3.26 -16.93 2.46
CA HIS B 101 -2.10 -16.06 2.65
C HIS B 101 -0.81 -16.79 2.35
N ASP B 102 -0.70 -18.04 2.80
CA ASP B 102 0.48 -18.84 2.44
C ASP B 102 0.57 -19.02 0.94
N ILE B 103 -0.57 -19.30 0.29
CA ILE B 103 -0.57 -19.48 -1.16
C ILE B 103 -0.08 -18.22 -1.86
N VAL B 104 -0.63 -17.06 -1.50
CA VAL B 104 -0.24 -15.84 -2.19
C VAL B 104 1.21 -15.48 -1.86
N VAL B 105 1.63 -15.74 -0.62
CA VAL B 105 3.01 -15.44 -0.22
C VAL B 105 4.00 -16.23 -1.06
N VAL B 106 3.70 -17.50 -1.34
CA VAL B 106 4.66 -18.25 -2.14
C VAL B 106 4.52 -17.92 -3.62
N GLN B 107 3.31 -17.65 -4.11
CA GLN B 107 3.05 -17.62 -5.55
C GLN B 107 3.04 -16.21 -6.15
N VAL B 108 2.36 -15.26 -5.53
CA VAL B 108 2.32 -13.90 -6.07
C VAL B 108 3.72 -13.35 -6.31
N PRO B 109 4.67 -13.47 -5.38
CA PRO B 109 6.05 -13.11 -5.73
C PRO B 109 6.63 -13.97 -6.86
N LYS B 110 6.27 -15.25 -6.93
CA LYS B 110 6.84 -16.10 -7.99
C LYS B 110 6.25 -15.77 -9.35
N LEU B 111 4.93 -15.57 -9.42
CA LEU B 111 4.32 -15.11 -10.67
C LEU B 111 4.87 -13.76 -11.07
N ALA B 112 5.01 -12.86 -10.10
CA ALA B 112 5.63 -11.56 -10.37
C ALA B 112 7.06 -11.71 -10.86
N ALA B 113 7.79 -12.71 -10.35
CA ALA B 113 9.18 -12.91 -10.75
C ALA B 113 9.27 -13.46 -12.16
N GLU B 114 8.38 -14.39 -12.52
CA GLU B 114 8.35 -14.87 -13.90
C GLU B 114 8.00 -13.74 -14.87
N ALA B 115 6.98 -12.95 -14.52
CA ALA B 115 6.60 -11.82 -15.34
C ALA B 115 7.72 -10.80 -15.42
N ALA B 116 8.45 -10.61 -14.32
CA ALA B 116 9.55 -9.66 -14.29
C ALA B 116 10.74 -10.15 -15.09
N GLN B 117 11.00 -11.45 -15.10
CA GLN B 117 12.03 -11.99 -15.97
C GLN B 117 11.67 -11.80 -17.43
N LYS B 118 10.41 -12.03 -17.79
CA LYS B 118 9.97 -11.75 -19.16
C LYS B 118 10.13 -10.28 -19.49
N ALA B 119 9.72 -9.39 -18.57
CA ALA B 119 9.81 -7.96 -18.81
C ALA B 119 11.26 -7.48 -18.84
N ILE B 120 12.16 -8.17 -18.14
CA ILE B 120 13.57 -7.82 -18.17
C ILE B 120 14.21 -8.26 -19.47
N LYS B 121 13.89 -9.49 -19.92
CA LYS B 121 14.40 -9.96 -21.20
C LYS B 121 13.92 -9.08 -22.34
N GLU B 122 12.65 -8.66 -22.30
CA GLU B 122 12.18 -7.68 -23.27
C GLU B 122 12.84 -6.33 -23.06
N TRP B 123 13.13 -5.98 -21.81
CA TRP B 123 13.77 -4.72 -21.47
C TRP B 123 15.27 -4.76 -21.77
N GLY B 124 15.92 -5.89 -21.52
CA GLY B 124 17.32 -6.08 -21.81
C GLY B 124 18.27 -5.64 -20.71
N GLY B 125 17.86 -4.69 -19.88
CA GLY B 125 18.75 -4.20 -18.84
C GLY B 125 19.05 -5.24 -17.77
N ARG B 126 20.18 -5.05 -17.11
CA ARG B 126 20.61 -5.97 -16.07
C ARG B 126 19.70 -5.85 -14.85
N LYS B 127 19.48 -6.99 -14.19
CA LYS B 127 18.65 -7.00 -12.97
C LYS B 127 19.26 -6.14 -11.88
N SER B 128 20.59 -5.95 -11.88
CA SER B 128 21.23 -5.09 -10.90
C SER B 128 20.85 -3.63 -11.07
N ASP B 129 20.25 -3.25 -12.20
CA ASP B 129 19.82 -1.88 -12.41
C ASP B 129 18.44 -1.58 -11.82
N ILE B 130 17.76 -2.59 -11.28
CA ILE B 130 16.47 -2.36 -10.65
C ILE B 130 16.69 -1.68 -9.30
N THR B 131 15.93 -0.61 -9.05
CA THR B 131 16.02 0.12 -7.79
C THR B 131 14.69 0.25 -7.06
N HIS B 132 13.56 0.10 -7.74
CA HIS B 132 12.25 0.30 -7.15
C HIS B 132 11.33 -0.87 -7.50
N ILE B 133 10.39 -1.15 -6.60
CA ILE B 133 9.38 -2.17 -6.82
C ILE B 133 8.05 -1.62 -6.31
N VAL B 134 7.16 -1.27 -7.22
CA VAL B 134 5.78 -0.90 -6.89
C VAL B 134 4.91 -2.12 -7.14
N PHE B 135 4.17 -2.52 -6.12
CA PHE B 135 3.49 -3.81 -6.10
C PHE B 135 2.08 -3.60 -5.56
N ALA B 136 1.07 -3.79 -6.40
CA ALA B 136 -0.32 -3.81 -5.97
C ALA B 136 -0.84 -5.22 -6.03
N THR B 137 -1.43 -5.68 -4.92
CA THR B 137 -2.05 -7.00 -4.86
C THR B 137 -3.39 -6.86 -4.16
N THR B 138 -4.45 -7.28 -4.84
CA THR B 138 -5.74 -7.39 -4.21
C THR B 138 -5.89 -8.72 -3.47
N SER B 139 -4.86 -9.55 -3.49
CA SER B 139 -4.92 -10.91 -2.96
C SER B 139 -3.78 -11.13 -1.97
N GLY B 140 -4.10 -11.08 -0.68
CA GLY B 140 -3.14 -11.39 0.36
C GLY B 140 -2.40 -10.18 0.88
N VAL B 141 -1.71 -10.40 2.00
CA VAL B 141 -0.96 -9.33 2.65
C VAL B 141 0.14 -9.98 3.48
N ASN B 142 1.28 -9.29 3.57
CA ASN B 142 2.43 -9.81 4.33
C ASN B 142 3.36 -8.67 4.64
N MET B 143 3.77 -8.56 5.90
CA MET B 143 4.66 -7.49 6.33
C MET B 143 6.12 -7.74 5.93
N PRO B 144 6.62 -8.98 5.94
CA PRO B 144 7.92 -9.22 5.29
C PRO B 144 7.94 -8.77 3.85
N GLY B 145 6.82 -8.88 3.14
CA GLY B 145 6.64 -8.20 1.88
C GLY B 145 6.71 -9.06 0.64
N ALA B 146 5.68 -8.98 -0.20
CA ALA B 146 5.78 -9.54 -1.55
C ALA B 146 6.76 -8.75 -2.40
N ASP B 147 6.85 -7.44 -2.17
CA ASP B 147 7.86 -6.62 -2.82
C ASP B 147 9.26 -7.08 -2.44
N HIS B 148 9.51 -7.30 -1.15
CA HIS B 148 10.82 -7.77 -0.71
C HIS B 148 11.09 -9.18 -1.21
N ALA B 149 10.05 -10.04 -1.23
CA ALA B 149 10.23 -11.38 -1.77
C ALA B 149 10.62 -11.34 -3.24
N LEU B 150 9.98 -10.46 -4.02
CA LEU B 150 10.36 -10.30 -5.42
C LEU B 150 11.78 -9.76 -5.53
N ALA B 151 12.16 -8.82 -4.66
CA ALA B 151 13.51 -8.27 -4.70
C ALA B 151 14.55 -9.35 -4.46
N LYS B 152 14.29 -10.25 -3.50
CA LYS B 152 15.22 -11.33 -3.24
C LYS B 152 15.22 -12.35 -4.38
N LEU B 153 14.04 -12.69 -4.91
CA LEU B 153 13.94 -13.75 -5.90
C LEU B 153 14.74 -13.41 -7.15
N LEU B 154 14.61 -12.18 -7.65
CA LEU B 154 15.38 -11.75 -8.80
C LEU B 154 16.82 -11.41 -8.43
N GLY B 155 17.10 -11.15 -7.16
CA GLY B 155 18.44 -10.77 -6.74
C GLY B 155 18.92 -9.46 -7.32
N LEU B 156 18.05 -8.45 -7.33
CA LEU B 156 18.39 -7.16 -7.92
C LEU B 156 19.54 -6.48 -7.20
N LYS B 157 19.32 -6.11 -5.93
CA LYS B 157 20.28 -5.30 -5.18
C LYS B 157 19.82 -5.19 -3.73
N PRO B 158 20.73 -4.97 -2.78
CA PRO B 158 20.27 -4.65 -1.42
C PRO B 158 19.56 -3.31 -1.33
N THR B 159 20.05 -2.30 -2.03
CA THR B 159 19.41 -0.98 -2.03
C THR B 159 18.29 -0.99 -3.07
N VAL B 160 17.14 -1.47 -2.62
CA VAL B 160 15.93 -1.53 -3.43
C VAL B 160 14.80 -0.89 -2.62
N LYS B 161 14.31 0.24 -3.10
CA LYS B 161 13.20 0.91 -2.44
C LYS B 161 11.88 0.28 -2.90
N ARG B 162 11.05 -0.12 -1.95
CA ARG B 162 9.87 -0.91 -2.24
C ARG B 162 8.63 -0.18 -1.75
N VAL B 163 7.69 0.06 -2.67
CA VAL B 163 6.38 0.61 -2.35
C VAL B 163 5.36 -0.49 -2.58
N MET B 164 4.69 -0.91 -1.52
CA MET B 164 3.78 -2.05 -1.57
C MET B 164 2.36 -1.54 -1.34
N MET B 165 1.55 -1.55 -2.41
CA MET B 165 0.18 -1.06 -2.34
C MET B 165 -0.76 -2.25 -2.21
N TYR B 166 -0.90 -2.72 -0.98
CA TYR B 166 -1.77 -3.85 -0.70
C TYR B 166 -3.24 -3.46 -0.79
N GLN B 167 -4.06 -4.44 -1.18
CA GLN B 167 -5.52 -4.35 -1.13
C GLN B 167 -6.07 -3.25 -2.04
N THR B 168 -5.36 -2.92 -3.11
CA THR B 168 -5.91 -2.03 -4.11
C THR B 168 -6.99 -2.75 -4.90
N GLY B 169 -8.05 -2.03 -5.24
CA GLY B 169 -9.17 -2.62 -5.96
C GLY B 169 -8.85 -2.95 -7.40
N CYS B 170 -9.90 -3.01 -8.24
CA CYS B 170 -9.69 -3.29 -9.65
C CYS B 170 -8.96 -2.17 -10.37
N PHE B 171 -8.81 -1.01 -9.74
CA PHE B 171 -7.96 0.06 -10.24
C PHE B 171 -6.52 -0.08 -9.78
N GLY B 172 -6.16 -1.24 -9.22
CA GLY B 172 -4.82 -1.42 -8.69
C GLY B 172 -3.75 -1.31 -9.75
N GLY B 173 -4.03 -1.77 -10.96
CA GLY B 173 -3.08 -1.60 -12.05
C GLY B 173 -2.88 -0.14 -12.40
N ALA B 174 -3.96 0.63 -12.45
CA ALA B 174 -3.86 2.06 -12.68
C ALA B 174 -3.11 2.75 -11.54
N SER B 175 -3.38 2.34 -10.30
CA SER B 175 -2.70 2.93 -9.15
C SER B 175 -1.21 2.62 -9.20
N VAL B 176 -0.83 1.39 -9.56
CA VAL B 176 0.57 1.04 -9.73
C VAL B 176 1.19 1.88 -10.83
N LEU B 177 0.49 2.06 -11.94
CA LEU B 177 1.05 2.87 -13.01
C LEU B 177 1.30 4.30 -12.55
N ARG B 178 0.35 4.89 -11.83
CA ARG B 178 0.50 6.26 -11.35
C ARG B 178 1.63 6.38 -10.32
N VAL B 179 1.68 5.47 -9.36
CA VAL B 179 2.68 5.55 -8.29
C VAL B 179 4.07 5.27 -8.85
N ALA B 180 4.20 4.25 -9.72
CA ALA B 180 5.48 3.99 -10.37
C ALA B 180 5.89 5.12 -11.28
N LYS B 181 4.91 5.82 -11.89
CA LYS B 181 5.23 7.00 -12.68
C LYS B 181 5.84 8.08 -11.79
N ASP B 182 5.25 8.31 -10.63
CA ASP B 182 5.79 9.32 -9.73
C ASP B 182 7.16 8.90 -9.18
N LEU B 183 7.34 7.60 -8.92
CA LEU B 183 8.61 7.11 -8.40
C LEU B 183 9.72 7.23 -9.45
N ALA B 184 9.44 6.80 -10.68
CA ALA B 184 10.44 6.86 -11.73
C ALA B 184 10.73 8.29 -12.15
N GLU B 185 9.74 9.17 -12.10
CA GLU B 185 9.93 10.56 -12.49
C GLU B 185 10.58 11.40 -11.40
N ASN B 186 10.78 10.84 -10.19
CA ASN B 186 11.39 11.56 -9.10
C ASN B 186 12.75 11.03 -8.69
N ASN B 187 13.19 9.90 -9.24
CA ASN B 187 14.48 9.30 -8.91
C ASN B 187 15.25 9.05 -10.20
N LYS B 188 16.43 9.65 -10.31
CA LYS B 188 17.22 9.54 -11.53
C LYS B 188 17.73 8.11 -11.71
N GLY B 189 17.53 7.57 -12.92
CA GLY B 189 17.97 6.23 -13.21
C GLY B 189 17.18 5.13 -12.53
N ALA B 190 16.10 5.47 -11.84
CA ALA B 190 15.30 4.46 -11.17
C ALA B 190 14.62 3.56 -12.19
N ARG B 191 14.66 2.26 -11.93
CA ARG B 191 14.03 1.25 -12.78
C ARG B 191 12.96 0.57 -11.94
N VAL B 192 11.76 1.15 -11.96
CA VAL B 192 10.67 0.66 -11.14
C VAL B 192 10.09 -0.60 -11.79
N LEU B 193 9.96 -1.66 -10.99
CA LEU B 193 9.25 -2.86 -11.43
C LEU B 193 7.79 -2.69 -11.01
N ALA B 194 6.99 -2.11 -11.90
CA ALA B 194 5.57 -1.90 -11.66
C ALA B 194 4.86 -3.24 -11.75
N VAL B 195 4.54 -3.82 -10.61
CA VAL B 195 3.99 -5.16 -10.52
C VAL B 195 2.54 -5.07 -10.07
N ALA B 196 1.66 -5.80 -10.74
CA ALA B 196 0.26 -5.92 -10.37
C ALA B 196 -0.15 -7.39 -10.32
N SER B 197 0.71 -8.23 -9.74
CA SER B 197 0.44 -9.66 -9.70
C SER B 197 -0.84 -9.94 -8.90
N GLU B 198 -1.73 -10.74 -9.48
CA GLU B 198 -3.01 -11.07 -8.86
C GLU B 198 -3.22 -12.57 -8.96
N VAL B 199 -3.35 -13.23 -7.80
CA VAL B 199 -3.68 -14.64 -7.73
C VAL B 199 -4.97 -14.75 -6.93
N THR B 200 -6.07 -15.05 -7.62
CA THR B 200 -7.38 -15.02 -6.98
C THR B 200 -7.55 -16.20 -6.04
N ALA B 201 -6.79 -16.20 -4.94
CA ALA B 201 -6.95 -17.22 -3.91
C ALA B 201 -7.69 -16.70 -2.68
N VAL B 202 -7.52 -15.42 -2.32
CA VAL B 202 -8.27 -14.86 -1.21
C VAL B 202 -9.64 -14.36 -1.64
N THR B 203 -9.84 -14.05 -2.92
CA THR B 203 -11.15 -13.68 -3.44
C THR B 203 -11.96 -14.88 -3.90
N TYR B 204 -11.29 -15.98 -4.25
CA TYR B 204 -11.99 -17.20 -4.64
C TYR B 204 -12.90 -17.66 -3.51
N ARG B 205 -14.15 -17.97 -3.86
CA ARG B 205 -15.11 -18.44 -2.87
C ARG B 205 -16.18 -19.27 -3.56
N ALA B 206 -16.84 -20.12 -2.76
CA ALA B 206 -17.94 -20.91 -3.27
C ALA B 206 -19.10 -20.00 -3.66
N PRO B 207 -19.89 -20.39 -4.66
CA PRO B 207 -20.98 -19.52 -5.12
C PRO B 207 -22.10 -19.46 -4.09
N SER B 208 -22.55 -18.24 -3.80
CA SER B 208 -23.63 -18.01 -2.84
C SER B 208 -24.63 -17.04 -3.45
N GLU B 209 -25.91 -17.38 -3.36
CA GLU B 209 -26.95 -16.50 -3.89
C GLU B 209 -27.05 -15.19 -3.11
N ASN B 210 -26.65 -15.19 -1.84
CA ASN B 210 -26.72 -13.99 -1.02
C ASN B 210 -25.72 -12.93 -1.47
N HIS B 211 -24.73 -13.31 -2.28
CA HIS B 211 -23.66 -12.41 -2.71
C HIS B 211 -23.53 -12.50 -4.23
N LEU B 212 -24.33 -11.69 -4.94
CA LEU B 212 -24.31 -11.74 -6.40
C LEU B 212 -23.10 -11.04 -7.00
N ASP B 213 -22.56 -10.03 -6.31
CA ASP B 213 -21.29 -9.47 -6.73
C ASP B 213 -20.18 -10.50 -6.67
N GLY B 214 -20.26 -11.41 -5.69
CA GLY B 214 -19.34 -12.54 -5.67
C GLY B 214 -19.50 -13.44 -6.89
N LEU B 215 -20.73 -13.63 -7.34
CA LEU B 215 -20.97 -14.40 -8.55
C LEU B 215 -20.38 -13.71 -9.77
N VAL B 216 -20.55 -12.39 -9.86
CA VAL B 216 -19.95 -11.64 -10.97
C VAL B 216 -18.43 -11.78 -10.94
N GLY B 217 -17.84 -11.65 -9.75
CA GLY B 217 -16.40 -11.81 -9.64
C GLY B 217 -15.93 -13.19 -10.04
N SER B 218 -16.61 -14.23 -9.53
CA SER B 218 -16.22 -15.60 -9.84
C SER B 218 -16.33 -15.87 -11.34
N ALA B 219 -17.40 -15.36 -11.97
CA ALA B 219 -17.50 -15.46 -13.42
C ALA B 219 -16.44 -14.60 -14.13
N LEU B 220 -15.85 -13.63 -13.44
CA LEU B 220 -14.90 -12.73 -14.07
C LEU B 220 -13.47 -12.85 -13.56
N PHE B 221 -13.27 -13.17 -12.29
CA PHE B 221 -11.94 -13.07 -11.70
C PHE B 221 -11.03 -14.21 -12.17
N GLY B 222 -9.82 -13.84 -12.61
CA GLY B 222 -8.81 -14.82 -12.96
C GLY B 222 -7.45 -14.37 -12.46
N ASP B 223 -6.51 -15.30 -12.47
CA ASP B 223 -5.16 -15.02 -12.01
C ASP B 223 -4.31 -14.47 -13.15
N GLY B 224 -3.36 -13.61 -12.79
CA GLY B 224 -2.47 -13.02 -13.76
C GLY B 224 -1.45 -12.10 -13.13
N ALA B 225 -0.22 -12.14 -13.65
CA ALA B 225 0.86 -11.31 -13.14
C ALA B 225 1.31 -10.37 -14.25
N GLY B 226 1.03 -9.08 -14.09
CA GLY B 226 1.51 -8.10 -15.04
C GLY B 226 2.62 -7.27 -14.44
N VAL B 227 3.79 -7.31 -15.06
CA VAL B 227 4.96 -6.56 -14.58
C VAL B 227 5.39 -5.61 -15.68
N TYR B 228 5.49 -4.32 -15.34
CA TYR B 228 6.01 -3.31 -16.23
C TYR B 228 7.34 -2.82 -15.70
N VAL B 229 8.35 -2.75 -16.57
CA VAL B 229 9.60 -2.09 -16.23
C VAL B 229 9.40 -0.61 -16.54
N VAL B 230 9.09 0.17 -15.50
CA VAL B 230 8.74 1.57 -15.65
C VAL B 230 9.95 2.43 -15.31
N GLY B 231 10.26 3.37 -16.18
CA GLY B 231 11.36 4.28 -15.93
C GLY B 231 11.32 5.43 -16.92
N SER B 232 12.06 6.48 -16.59
CA SER B 232 12.15 7.65 -17.43
C SER B 232 13.51 7.71 -18.11
N ASP B 233 13.54 8.35 -19.28
CA ASP B 233 14.74 8.49 -20.10
C ASP B 233 15.37 7.13 -20.36
N PRO B 234 14.75 6.27 -21.17
CA PRO B 234 15.37 4.99 -21.50
C PRO B 234 16.63 5.18 -22.32
N LYS B 235 17.56 4.24 -22.17
CA LYS B 235 18.80 4.31 -22.93
C LYS B 235 18.51 4.01 -24.39
N PRO B 236 18.85 4.90 -25.32
CA PRO B 236 18.59 4.63 -26.74
C PRO B 236 19.37 3.41 -27.23
N GLU B 237 18.76 2.69 -28.17
CA GLU B 237 19.29 1.50 -28.81
C GLU B 237 19.45 0.32 -27.85
N VAL B 238 19.09 0.47 -26.58
CA VAL B 238 19.13 -0.61 -25.60
C VAL B 238 17.76 -0.83 -24.97
N GLU B 239 17.16 0.24 -24.44
CA GLU B 239 15.83 0.18 -23.86
C GLU B 239 14.83 0.80 -24.82
N LYS B 240 13.75 0.07 -25.10
CA LYS B 240 12.73 0.69 -25.92
C LYS B 240 11.47 1.01 -25.12
N PRO B 241 10.83 2.15 -25.37
CA PRO B 241 9.56 2.44 -24.69
C PRO B 241 8.36 1.95 -25.50
N LEU B 242 7.40 1.38 -24.79
CA LEU B 242 6.17 0.90 -25.40
C LEU B 242 4.99 1.85 -25.19
N PHE B 243 4.85 2.40 -24.00
CA PHE B 243 3.78 3.34 -23.69
C PHE B 243 4.31 4.41 -22.75
N GLU B 244 3.89 5.65 -22.97
CA GLU B 244 4.31 6.80 -22.18
C GLU B 244 3.13 7.29 -21.37
N VAL B 245 3.22 7.15 -20.05
CA VAL B 245 2.17 7.66 -19.16
C VAL B 245 2.20 9.18 -19.17
N HIS B 246 1.05 9.80 -19.41
CA HIS B 246 0.96 11.25 -19.51
C HIS B 246 0.08 11.90 -18.45
N TRP B 247 -0.95 11.22 -17.97
CA TRP B 247 -1.87 11.80 -17.01
C TRP B 247 -2.25 10.74 -15.98
N ALA B 248 -2.70 11.21 -14.82
CA ALA B 248 -3.17 10.32 -13.76
C ALA B 248 -4.07 11.12 -12.83
N GLY B 249 -5.20 10.54 -12.45
CA GLY B 249 -6.13 11.24 -11.58
C GLY B 249 -7.22 10.31 -11.11
N GLU B 250 -7.96 10.79 -10.12
CA GLU B 250 -9.06 10.04 -9.53
C GLU B 250 -10.23 10.98 -9.30
N THR B 251 -11.40 10.40 -9.07
CA THR B 251 -12.60 11.17 -8.77
C THR B 251 -13.62 10.25 -8.14
N ILE B 252 -14.12 10.62 -6.96
CA ILE B 252 -15.21 9.90 -6.32
C ILE B 252 -16.51 10.39 -6.97
N LEU B 253 -17.00 9.63 -7.95
CA LEU B 253 -18.17 10.04 -8.70
C LEU B 253 -19.40 10.09 -7.80
N PRO B 254 -20.37 10.94 -8.12
CA PRO B 254 -21.52 11.12 -7.23
C PRO B 254 -22.31 9.83 -7.04
N GLU B 255 -23.00 9.76 -5.90
CA GLU B 255 -23.86 8.63 -5.54
C GLU B 255 -23.06 7.34 -5.36
N SER B 256 -21.78 7.47 -5.02
CA SER B 256 -20.92 6.31 -4.79
C SER B 256 -20.85 6.07 -3.27
N ASP B 257 -21.84 5.34 -2.77
CA ASP B 257 -21.96 5.05 -1.35
C ASP B 257 -22.09 3.54 -1.19
N GLY B 258 -20.96 2.87 -0.95
CA GLY B 258 -20.99 1.43 -0.75
C GLY B 258 -21.32 0.62 -1.97
N ALA B 259 -21.09 1.15 -3.16
CA ALA B 259 -21.39 0.40 -4.38
C ALA B 259 -20.58 -0.89 -4.43
N ILE B 260 -19.26 -0.79 -4.24
CA ILE B 260 -18.39 -1.95 -4.12
C ILE B 260 -17.73 -1.86 -2.74
N ASP B 261 -17.87 -2.92 -1.95
CA ASP B 261 -17.35 -2.95 -0.59
C ASP B 261 -16.49 -4.19 -0.42
N GLY B 262 -15.17 -3.99 -0.35
CA GLY B 262 -14.25 -5.09 -0.17
C GLY B 262 -13.69 -5.19 1.23
N HIS B 263 -14.13 -6.20 1.97
CA HIS B 263 -13.65 -6.44 3.33
C HIS B 263 -12.80 -7.70 3.33
N LEU B 264 -11.54 -7.56 3.74
CA LEU B 264 -10.64 -8.70 3.89
C LEU B 264 -10.91 -9.34 5.25
N THR B 265 -11.96 -10.15 5.29
CA THR B 265 -12.39 -10.79 6.52
C THR B 265 -11.50 -12.00 6.81
N GLU B 266 -11.89 -12.79 7.82
CA GLU B 266 -11.21 -14.05 8.08
C GLU B 266 -11.40 -15.04 6.95
N ALA B 267 -12.48 -14.91 6.18
CA ALA B 267 -12.78 -15.78 5.05
C ALA B 267 -12.10 -15.33 3.77
N GLY B 268 -11.36 -14.24 3.79
CA GLY B 268 -10.71 -13.70 2.62
C GLY B 268 -11.28 -12.36 2.21
N LEU B 269 -11.12 -12.04 0.93
CA LEU B 269 -11.60 -10.78 0.39
C LEU B 269 -12.99 -10.98 -0.22
N ILE B 270 -13.93 -10.15 0.22
CA ILE B 270 -15.33 -10.27 -0.20
C ILE B 270 -15.77 -8.93 -0.79
N PHE B 271 -16.27 -8.97 -2.02
CA PHE B 271 -16.83 -7.79 -2.69
C PHE B 271 -18.33 -7.77 -2.41
N HIS B 272 -18.69 -7.37 -1.19
CA HIS B 272 -20.09 -7.45 -0.76
C HIS B 272 -20.99 -6.62 -1.67
N LEU B 273 -22.12 -7.26 -2.00
CA LEU B 273 -23.12 -6.65 -2.90
C LEU B 273 -24.07 -5.72 -2.16
N MET B 274 -23.80 -4.42 -2.22
CA MET B 274 -24.73 -3.45 -1.65
C MET B 274 -25.37 -2.59 -2.72
N LYS B 275 -25.01 -2.79 -3.98
CA LYS B 275 -25.53 -2.00 -5.08
C LYS B 275 -25.30 -2.77 -6.38
N ASP B 276 -25.93 -2.29 -7.45
CA ASP B 276 -25.76 -2.89 -8.77
C ASP B 276 -24.46 -2.39 -9.36
N VAL B 277 -23.37 -3.14 -9.12
CA VAL B 277 -22.05 -2.69 -9.54
C VAL B 277 -21.95 -2.51 -11.05
N PRO B 278 -22.29 -3.49 -11.90
CA PRO B 278 -22.18 -3.24 -13.35
C PRO B 278 -22.91 -2.00 -13.80
N GLY B 279 -24.19 -1.86 -13.43
CA GLY B 279 -24.96 -0.70 -13.87
C GLY B 279 -24.43 0.61 -13.31
N LEU B 280 -24.08 0.63 -12.02
CA LEU B 280 -23.65 1.88 -11.41
C LEU B 280 -22.33 2.37 -11.99
N ILE B 281 -21.35 1.47 -12.07
CA ILE B 281 -20.03 1.84 -12.68
C ILE B 281 -20.30 2.25 -14.13
N SER B 282 -21.11 1.48 -14.86
CA SER B 282 -21.33 1.77 -16.27
C SER B 282 -21.95 3.15 -16.47
N LYS B 283 -22.93 3.51 -15.64
CA LYS B 283 -23.56 4.83 -15.74
C LYS B 283 -22.67 5.94 -15.19
N ASN B 284 -21.65 5.62 -14.40
CA ASN B 284 -20.80 6.64 -13.83
C ASN B 284 -19.46 6.80 -14.54
N ILE B 285 -19.14 5.93 -15.51
CA ILE B 285 -17.84 6.00 -16.17
C ILE B 285 -17.63 7.35 -16.86
N GLU B 286 -18.63 7.83 -17.59
CA GLU B 286 -18.44 8.97 -18.48
C GLU B 286 -18.05 10.24 -17.72
N LYS B 287 -18.38 10.32 -16.43
CA LYS B 287 -18.26 11.57 -15.68
C LYS B 287 -16.83 12.09 -15.70
N PHE B 288 -15.89 11.32 -15.14
CA PHE B 288 -14.51 11.78 -15.09
C PHE B 288 -13.82 11.69 -16.45
N LEU B 289 -14.28 10.78 -17.32
CA LEU B 289 -13.68 10.64 -18.64
C LEU B 289 -13.87 11.91 -19.46
N ASN B 290 -15.04 12.54 -19.34
CA ASN B 290 -15.33 13.71 -20.15
C ASN B 290 -14.42 14.89 -19.85
N GLU B 291 -13.68 14.85 -18.73
CA GLU B 291 -12.75 15.91 -18.38
C GLU B 291 -11.29 15.46 -18.29
N ALA B 292 -11.03 14.16 -18.16
CA ALA B 292 -9.66 13.69 -17.98
C ALA B 292 -8.82 13.78 -19.25
N ARG B 293 -9.46 13.98 -20.41
CA ARG B 293 -8.74 14.04 -21.68
C ARG B 293 -8.33 15.46 -22.06
N LYS B 294 -8.67 16.46 -21.23
CA LYS B 294 -8.35 17.84 -21.57
C LYS B 294 -6.86 18.12 -21.72
N PRO B 295 -5.97 17.69 -20.81
CA PRO B 295 -4.55 18.07 -20.96
C PRO B 295 -3.92 17.55 -22.24
N VAL B 296 -4.44 16.47 -22.81
CA VAL B 296 -3.89 15.94 -24.06
C VAL B 296 -4.06 16.95 -25.19
N GLY B 297 -5.24 17.56 -25.28
CA GLY B 297 -5.58 18.43 -26.38
C GLY B 297 -6.98 18.12 -26.86
N SER B 298 -7.62 17.18 -26.18
CA SER B 298 -8.97 16.71 -26.44
C SER B 298 -9.17 16.28 -27.89
N PRO B 299 -8.52 15.23 -28.35
CA PRO B 299 -8.84 14.67 -29.68
C PRO B 299 -10.22 14.03 -29.64
N ALA B 300 -10.63 13.51 -30.80
CA ALA B 300 -11.92 12.83 -30.87
C ALA B 300 -11.93 11.59 -29.98
N TRP B 301 -13.11 11.28 -29.46
CA TRP B 301 -13.25 10.09 -28.62
C TRP B 301 -13.04 8.82 -29.43
N ASN B 302 -13.19 8.89 -30.75
CA ASN B 302 -12.92 7.77 -31.63
C ASN B 302 -11.51 7.81 -32.21
N GLU B 303 -10.65 8.67 -31.67
CA GLU B 303 -9.24 8.68 -32.03
C GLU B 303 -8.36 8.23 -30.87
N MET B 304 -8.95 7.52 -29.91
CA MET B 304 -8.22 7.06 -28.73
C MET B 304 -8.53 5.59 -28.48
N PHE B 305 -7.49 4.80 -28.23
CA PHE B 305 -7.70 3.41 -27.86
C PHE B 305 -8.15 3.33 -26.41
N TRP B 306 -8.68 2.18 -26.04
CA TRP B 306 -9.36 2.03 -24.75
C TRP B 306 -8.74 0.86 -23.99
N ALA B 307 -7.74 1.17 -23.17
CA ALA B 307 -7.20 0.21 -22.22
C ALA B 307 -8.06 0.23 -20.95
N VAL B 308 -9.33 -0.09 -21.15
CA VAL B 308 -10.29 -0.11 -20.05
C VAL B 308 -10.18 -1.43 -19.30
N HIS B 309 -10.27 -1.35 -17.98
CA HIS B 309 -10.30 -2.56 -17.19
C HIS B 309 -11.56 -3.34 -17.53
N PRO B 310 -11.45 -4.58 -17.98
CA PRO B 310 -12.65 -5.33 -18.39
C PRO B 310 -13.46 -5.79 -17.19
N GLY B 311 -14.26 -4.89 -16.63
CA GLY B 311 -15.06 -5.16 -15.45
C GLY B 311 -16.37 -5.88 -15.72
N GLY B 312 -16.60 -6.33 -16.94
CA GLY B 312 -17.83 -7.00 -17.30
C GLY B 312 -18.50 -6.34 -18.49
N PRO B 313 -19.17 -7.15 -19.31
CA PRO B 313 -19.71 -6.62 -20.58
C PRO B 313 -20.68 -5.47 -20.42
N ALA B 314 -21.32 -5.33 -19.27
CA ALA B 314 -22.16 -4.16 -19.05
C ALA B 314 -21.34 -2.89 -19.17
N ILE B 315 -20.15 -2.85 -18.57
CA ILE B 315 -19.34 -1.64 -18.60
C ILE B 315 -18.97 -1.29 -20.04
N LEU B 316 -18.44 -2.25 -20.80
CA LEU B 316 -18.06 -1.96 -22.18
C LEU B 316 -19.26 -1.56 -23.02
N ASP B 317 -20.39 -2.25 -22.86
CA ASP B 317 -21.56 -1.93 -23.68
C ASP B 317 -22.07 -0.52 -23.40
N GLN B 318 -22.22 -0.15 -22.11
CA GLN B 318 -22.75 1.18 -21.83
C GLN B 318 -21.73 2.28 -22.12
N VAL B 319 -20.43 2.02 -21.96
CA VAL B 319 -19.45 3.03 -22.36
C VAL B 319 -19.50 3.25 -23.87
N GLU B 320 -19.61 2.17 -24.64
CA GLU B 320 -19.74 2.30 -26.08
C GLU B 320 -21.01 3.07 -26.46
N ALA B 321 -22.13 2.76 -25.78
CA ALA B 321 -23.37 3.45 -26.09
C ALA B 321 -23.31 4.93 -25.74
N LYS B 322 -22.72 5.27 -24.59
CA LYS B 322 -22.72 6.63 -24.11
C LYS B 322 -21.62 7.50 -24.73
N LEU B 323 -20.64 6.89 -25.40
CA LEU B 323 -19.67 7.68 -26.16
C LEU B 323 -19.69 7.38 -27.65
N LYS B 324 -20.54 6.47 -28.11
CA LYS B 324 -20.75 6.18 -29.52
C LYS B 324 -19.43 5.88 -30.22
N LEU B 325 -18.74 4.87 -29.72
CA LEU B 325 -17.45 4.45 -30.23
C LEU B 325 -17.60 3.33 -31.26
N THR B 326 -16.59 3.21 -32.11
CA THR B 326 -16.55 2.10 -33.06
C THR B 326 -16.38 0.79 -32.32
N LYS B 327 -16.88 -0.29 -32.92
CA LYS B 327 -16.82 -1.60 -32.28
C LYS B 327 -15.38 -2.04 -32.05
N ASP B 328 -14.48 -1.68 -32.95
CA ASP B 328 -13.08 -2.07 -32.83
C ASP B 328 -12.31 -1.21 -31.83
N LYS B 329 -12.90 -0.10 -31.36
CA LYS B 329 -12.18 0.76 -30.42
C LYS B 329 -11.92 0.06 -29.10
N MET B 330 -12.88 -0.72 -28.62
CA MET B 330 -12.77 -1.32 -27.31
C MET B 330 -12.57 -2.83 -27.41
N GLN B 331 -11.99 -3.28 -28.53
CA GLN B 331 -11.83 -4.70 -28.82
C GLN B 331 -10.72 -5.34 -27.99
N GLY B 332 -9.67 -4.59 -27.66
CA GLY B 332 -8.59 -5.16 -26.86
C GLY B 332 -9.04 -5.56 -25.47
N SER B 333 -9.87 -4.73 -24.84
CA SER B 333 -10.40 -5.08 -23.53
C SER B 333 -11.26 -6.34 -23.61
N ARG B 334 -12.08 -6.46 -24.66
CA ARG B 334 -12.89 -7.67 -24.84
C ARG B 334 -12.00 -8.88 -25.10
N ASP B 335 -10.90 -8.71 -25.84
CA ASP B 335 -9.98 -9.81 -26.11
C ASP B 335 -9.34 -10.30 -24.82
N ILE B 336 -8.90 -9.38 -23.96
CA ILE B 336 -8.33 -9.78 -22.67
C ILE B 336 -9.40 -10.40 -21.79
N LEU B 337 -10.63 -9.88 -21.85
CA LEU B 337 -11.71 -10.47 -21.09
C LEU B 337 -11.96 -11.91 -21.51
N SER B 338 -11.91 -12.18 -22.81
CA SER B 338 -12.16 -13.55 -23.29
C SER B 338 -10.99 -14.47 -22.99
N GLU B 339 -9.76 -14.00 -23.17
CA GLU B 339 -8.60 -14.86 -23.00
C GLU B 339 -8.25 -15.11 -21.54
N PHE B 340 -8.43 -14.11 -20.67
CA PHE B 340 -8.01 -14.23 -19.28
C PHE B 340 -9.07 -13.85 -18.27
N GLY B 341 -10.07 -13.05 -18.64
CA GLY B 341 -11.05 -12.59 -17.68
C GLY B 341 -10.66 -11.29 -17.02
N ASN B 342 -11.20 -11.08 -15.82
CA ASN B 342 -10.94 -9.89 -15.02
C ASN B 342 -9.90 -10.25 -13.98
N MET B 343 -8.64 -9.85 -14.22
CA MET B 343 -7.54 -10.15 -13.32
C MET B 343 -7.25 -9.01 -12.35
N SER B 344 -8.27 -8.22 -12.00
CA SER B 344 -8.19 -7.15 -11.00
C SER B 344 -7.11 -6.17 -11.43
N SER B 345 -6.03 -5.98 -10.66
CA SER B 345 -5.02 -4.97 -11.00
C SER B 345 -4.31 -5.33 -12.30
N ALA B 346 -3.97 -6.62 -12.48
CA ALA B 346 -3.24 -7.03 -13.68
C ALA B 346 -4.09 -7.00 -14.94
N SER B 347 -5.41 -6.87 -14.81
CA SER B 347 -6.28 -6.97 -15.97
C SER B 347 -6.00 -5.86 -16.98
N VAL B 348 -5.87 -4.63 -16.50
CA VAL B 348 -5.67 -3.51 -17.41
C VAL B 348 -4.26 -3.54 -18.00
N LEU B 349 -3.28 -4.03 -17.24
CA LEU B 349 -1.93 -4.22 -17.80
C LEU B 349 -1.95 -5.24 -18.93
N PHE B 350 -2.67 -6.34 -18.74
CA PHE B 350 -2.84 -7.31 -19.81
C PHE B 350 -3.60 -6.70 -20.99
N VAL B 351 -4.55 -5.81 -20.73
CA VAL B 351 -5.27 -5.14 -21.81
C VAL B 351 -4.32 -4.31 -22.65
N LEU B 352 -3.42 -3.57 -21.99
CA LEU B 352 -2.44 -2.79 -22.72
C LEU B 352 -1.49 -3.69 -23.53
N ASP B 353 -1.05 -4.79 -22.92
CA ASP B 353 -0.19 -5.74 -23.64
C ASP B 353 -0.90 -6.32 -24.86
N GLN B 354 -2.17 -6.68 -24.70
CA GLN B 354 -2.94 -7.21 -25.83
C GLN B 354 -3.18 -6.17 -26.90
N ILE B 355 -3.35 -4.91 -26.51
CA ILE B 355 -3.47 -3.84 -27.51
C ILE B 355 -2.20 -3.74 -28.32
N ARG B 356 -1.04 -3.82 -27.66
CA ARG B 356 0.23 -3.81 -28.40
C ARG B 356 0.34 -5.03 -29.31
N HIS B 357 -0.07 -6.20 -28.81
CA HIS B 357 0.00 -7.41 -29.62
C HIS B 357 -0.89 -7.31 -30.85
N ARG B 358 -2.11 -6.79 -30.68
CA ARG B 358 -3.00 -6.58 -31.82
C ARG B 358 -2.41 -5.58 -32.80
N SER B 359 -1.78 -4.53 -32.28
CA SER B 359 -1.17 -3.54 -33.15
C SER B 359 -0.05 -4.15 -34.00
N VAL B 360 0.78 -4.99 -33.39
CA VAL B 360 1.87 -5.59 -34.16
C VAL B 360 1.37 -6.72 -35.06
N LYS B 361 0.26 -7.35 -34.70
CA LYS B 361 -0.29 -8.42 -35.55
C LYS B 361 -0.97 -7.85 -36.79
N MET B 362 -1.74 -6.78 -36.62
CA MET B 362 -2.46 -6.15 -37.72
C MET B 362 -1.62 -5.12 -38.47
N GLY B 363 -0.38 -4.89 -38.03
CA GLY B 363 0.44 -3.86 -38.65
C GLY B 363 -0.07 -2.45 -38.44
N ALA B 364 -0.54 -2.15 -37.23
CA ALA B 364 -1.04 -0.82 -36.93
C ALA B 364 0.11 0.18 -36.91
N SER B 365 -0.23 1.46 -37.16
CA SER B 365 0.78 2.50 -37.16
C SER B 365 1.41 2.68 -35.80
N THR B 366 0.60 2.62 -34.74
CA THR B 366 1.07 2.76 -33.37
C THR B 366 0.84 1.46 -32.62
N LEU B 367 1.33 1.41 -31.38
CA LEU B 367 1.07 0.29 -30.50
C LEU B 367 -0.31 0.37 -29.85
N GLY B 368 -1.10 1.38 -30.20
CA GLY B 368 -2.46 1.49 -29.71
C GLY B 368 -3.48 1.33 -30.81
N GLU B 369 -3.21 0.41 -31.73
CA GLU B 369 -4.09 0.14 -32.88
C GLU B 369 -4.34 1.39 -33.71
N GLY B 370 -3.29 2.22 -33.85
CA GLY B 370 -3.37 3.43 -34.63
C GLY B 370 -3.70 4.69 -33.83
N SER B 371 -4.24 4.54 -32.63
CA SER B 371 -4.61 5.69 -31.81
C SER B 371 -3.40 6.17 -31.01
N GLU B 372 -3.13 7.48 -31.10
CA GLU B 372 -1.95 8.03 -30.45
C GLU B 372 -2.09 8.09 -28.93
N PHE B 373 -3.33 8.17 -28.44
CA PHE B 373 -3.58 8.28 -27.00
C PHE B 373 -4.62 7.27 -26.59
N GLY B 374 -4.62 6.92 -25.30
CA GLY B 374 -5.55 5.92 -24.80
C GLY B 374 -5.88 6.15 -23.33
N PHE B 375 -6.93 5.46 -22.90
CA PHE B 375 -7.42 5.55 -21.53
C PHE B 375 -7.00 4.29 -20.76
N PHE B 376 -6.21 4.49 -19.70
CA PHE B 376 -5.87 3.41 -18.78
C PHE B 376 -6.82 3.44 -17.60
N ILE B 377 -8.05 2.99 -17.87
CA ILE B 377 -9.16 3.17 -16.93
C ILE B 377 -9.14 2.07 -15.89
N GLY B 378 -9.18 2.46 -14.63
CA GLY B 378 -9.40 1.53 -13.54
C GLY B 378 -10.47 2.06 -12.59
N PHE B 379 -11.36 1.19 -12.15
CA PHE B 379 -12.43 1.58 -11.23
C PHE B 379 -12.53 0.55 -10.11
N GLY B 380 -12.89 1.03 -8.93
CA GLY B 380 -12.99 0.18 -7.77
C GLY B 380 -13.99 0.68 -6.75
N PRO B 381 -13.83 0.24 -5.50
CA PRO B 381 -14.76 0.67 -4.44
C PRO B 381 -14.79 2.18 -4.28
N GLY B 382 -15.97 2.71 -3.99
CA GLY B 382 -16.15 4.14 -3.92
C GLY B 382 -16.22 4.84 -5.26
N LEU B 383 -16.22 4.08 -6.35
CA LEU B 383 -16.28 4.61 -7.71
C LEU B 383 -15.15 5.62 -7.97
N THR B 384 -13.98 5.36 -7.40
CA THR B 384 -12.81 6.13 -7.79
C THR B 384 -12.43 5.78 -9.22
N LEU B 385 -12.35 6.79 -10.08
CA LEU B 385 -12.07 6.58 -11.50
C LEU B 385 -10.59 6.85 -11.75
N GLU B 386 -9.79 5.84 -11.46
CA GLU B 386 -8.36 5.90 -11.74
C GLU B 386 -8.16 5.89 -13.24
N VAL B 387 -7.79 7.04 -13.79
CA VAL B 387 -7.66 7.22 -15.23
C VAL B 387 -6.26 7.72 -15.53
N LEU B 388 -5.57 7.01 -16.42
CA LEU B 388 -4.30 7.44 -16.97
C LEU B 388 -4.41 7.52 -18.48
N VAL B 389 -3.87 8.59 -19.05
CA VAL B 389 -3.82 8.76 -20.50
C VAL B 389 -2.41 8.41 -20.95
N LEU B 390 -2.30 7.43 -21.84
CA LEU B 390 -1.02 6.94 -22.32
C LEU B 390 -0.84 7.30 -23.79
N ARG B 391 0.41 7.41 -24.21
CA ARG B 391 0.76 7.58 -25.61
C ARG B 391 1.44 6.31 -26.10
N ALA B 392 0.89 5.70 -27.14
CA ALA B 392 1.43 4.47 -27.68
C ALA B 392 2.64 4.77 -28.56
N ALA B 393 3.68 3.96 -28.41
CA ALA B 393 4.87 4.12 -29.22
C ALA B 393 4.57 3.68 -30.66
N PRO B 394 5.27 4.26 -31.64
CA PRO B 394 5.05 3.86 -33.04
C PRO B 394 5.45 2.42 -33.27
N ASN B 395 4.75 1.77 -34.20
CA ASN B 395 5.03 0.39 -34.55
C ASN B 395 5.67 0.32 -35.94
#